data_9DNG
#
_entry.id   9DNG
#
_cell.length_a   1.00
_cell.length_b   1.00
_cell.length_c   1.00
_cell.angle_alpha   90.00
_cell.angle_beta   90.00
_cell.angle_gamma   90.00
#
_symmetry.space_group_name_H-M   'P 1'
#
loop_
_entity.id
_entity.type
_entity.pdbx_description
1 polymer 'anti-BRIL Fab Heavy chain'
2 polymer 'anti-BRIL Fab LIGHT chain'
3 polymer 'Beta-arrestin-1,Soluble cytochrome b562'
#
loop_
_entity_poly.entity_id
_entity_poly.type
_entity_poly.pdbx_seq_one_letter_code
_entity_poly.pdbx_strand_id
1 'polypeptide(L)'
;EVQLVESGGGLVQPGGSLRLSCAASGFNVVDFSLHWVRQAPGKGLEWVAYISSSSGSTSYADSVKGRFTISADTSKNTAY
LQMNSLRAEDTAVYYCARWGYWPGEPWWKAFDYWGQGTLVTVSSASTKGPSVFPLAPSSKSTSGGTAALGCLVKDYFPEP
VTVSWNSGALTSGVHTFPAVLQSSGLYSLSSVVTVPSSSLGTQTYICNVNHKPSNTKVDKKVEPK
;
H
2 'polypeptide(L)'
;DIQMTQSPSSLSASVGDRVTITCRASQSVSSAVAWYQQKPGKAPKLLIYSASSLYSGVPSRFSGSRSGTDFTLTISSLQP
EDFATYYCQQYLYYSLVTFGQGTKVEIKRTVAAPSVFIFPPSDSQLKSGTASVVCLLNNFYPREAKVQWKVDNALQSGNS
QESVTEQDSKDSTYSLSSTLTLSKADYEKHKVYACEVTHQGLSSPVTKSFNR
;
L
3 'polypeptide(L)'
;LGDKGTRVFKKASPNGKLTVYLGKRDFVDHIDLVDPVDGVVLVDPEYLKERRVYVTLTCAFRYGREDLDVLGLTFRKDLF
VANVQSFPPAPEDKKPLTRLQERLIKKLGEHAYPFTFEIPPNLPCSVTLQPGPEDTGKACGVDYEVKAFCAENLEEKIHK
RNSVRLVIRKVQYAPEADLEDNWETLNDNLKVIEKADNAAQVKDALTKMRAAALDAQKATPPKLEDKSPDSPEMKDFRHG
FDILVGQIDDALKLANEGKVKEAQAAAEQLKTTRNAYIQKYLPTAETTRQFLMSDKPLHLEASLDKEIYYHGEPISVNVH
VTNNTNKTVKKIKISVRQYADICLFNTAQYKCPVAMEEADDTVAPSSTFCKVYTLTPFLANNREKRGLALDGKLKHEDTN
LASSTLLREGANREILGIIVSYKVKVKLVVSRGDYKDDDDKSDVAVELPFTLMHPKPKEEPPHREVPESETPVDTNLIEL
DTNDDDIVFEDFAR
;
A
#
# COMPACT_ATOMS: atom_id res chain seq x y z
N GLU A 1 25.32 11.10 33.69
CA GLU A 1 24.05 10.88 33.01
C GLU A 1 23.75 12.02 32.04
N VAL A 2 22.63 11.90 31.34
CA VAL A 2 22.21 12.91 30.37
C VAL A 2 21.47 14.02 31.10
N GLN A 3 21.96 15.25 30.96
CA GLN A 3 21.31 16.41 31.54
C GLN A 3 21.50 17.60 30.61
N LEU A 4 20.40 18.25 30.26
CA LEU A 4 20.41 19.40 29.37
C LEU A 4 20.26 20.65 30.24
N VAL A 5 21.38 21.24 30.59
CA VAL A 5 21.38 22.44 31.44
C VAL A 5 21.18 23.66 30.55
N GLU A 6 20.11 24.41 30.80
CA GLU A 6 19.76 25.58 30.02
C GLU A 6 19.72 26.79 30.94
N SER A 7 20.45 27.84 30.57
CA SER A 7 20.53 29.02 31.40
C SER A 7 20.84 30.24 30.55
N GLY A 8 20.55 31.41 31.10
CA GLY A 8 20.80 32.67 30.41
C GLY A 8 19.56 33.50 30.19
N GLY A 9 18.55 33.33 31.04
CA GLY A 9 17.31 34.06 30.89
C GLY A 9 17.24 35.30 31.76
N GLY A 10 16.30 36.18 31.40
CA GLY A 10 16.13 37.42 32.14
C GLY A 10 15.10 38.31 31.46
N LEU A 11 15.04 39.54 31.95
CA LEU A 11 14.11 40.55 31.44
C LEU A 11 14.88 41.55 30.60
N VAL A 12 14.38 41.84 29.40
CA VAL A 12 15.09 42.68 28.45
C VAL A 12 14.12 43.66 27.80
N GLN A 13 14.57 44.90 27.65
CA GLN A 13 13.77 45.93 26.98
C GLN A 13 13.57 45.57 25.52
N PRO A 14 12.48 46.06 24.90
CA PRO A 14 12.26 45.77 23.48
C PRO A 14 13.40 46.28 22.62
N GLY A 15 13.73 45.50 21.59
CA GLY A 15 14.88 45.81 20.76
C GLY A 15 16.21 45.39 21.35
N GLY A 16 16.22 44.78 22.54
CA GLY A 16 17.44 44.35 23.16
C GLY A 16 17.91 42.99 22.68
N SER A 17 19.04 42.56 23.23
CA SER A 17 19.69 41.33 22.82
C SER A 17 20.00 40.46 24.02
N LEU A 18 20.02 39.16 23.79
CA LEU A 18 20.33 38.19 24.84
C LEU A 18 21.03 37.00 24.20
N ARG A 19 21.74 36.24 25.03
CA ARG A 19 22.48 35.07 24.58
C ARG A 19 22.10 33.88 25.46
N LEU A 20 21.32 32.96 24.90
CA LEU A 20 20.83 31.80 25.61
C LEU A 20 21.78 30.63 25.37
N SER A 21 22.35 30.10 26.43
CA SER A 21 23.36 29.04 26.35
C SER A 21 22.74 27.72 26.80
N CYS A 22 23.00 26.65 26.05
CA CYS A 22 22.54 25.31 26.38
C CYS A 22 23.74 24.41 26.52
N ALA A 23 24.11 24.11 27.76
CA ALA A 23 25.22 23.22 28.06
C ALA A 23 24.73 21.80 28.23
N ALA A 24 25.53 20.84 27.77
CA ALA A 24 25.17 19.44 27.80
C ALA A 24 26.23 18.64 28.56
N SER A 25 25.78 17.61 29.26
CA SER A 25 26.66 16.72 30.00
C SER A 25 26.29 15.28 29.69
N GLY A 26 27.30 14.42 29.70
CA GLY A 26 27.10 13.01 29.44
C GLY A 26 27.04 12.62 27.99
N PHE A 27 27.16 13.57 27.07
CA PHE A 27 27.22 13.26 25.65
C PHE A 27 27.80 14.44 24.90
N ASN A 28 28.52 14.15 23.82
CA ASN A 28 29.11 15.18 23.00
C ASN A 28 28.10 15.67 21.96
N VAL A 29 28.20 16.96 21.63
CA VAL A 29 27.29 17.54 20.65
C VAL A 29 27.56 17.06 19.24
N VAL A 30 28.74 16.48 18.99
CA VAL A 30 29.12 16.04 17.65
C VAL A 30 28.33 14.80 17.26
N ASP A 31 27.59 14.24 18.20
CA ASP A 31 26.85 13.01 17.96
C ASP A 31 25.35 13.20 17.84
N PHE A 32 24.81 14.32 18.30
CA PHE A 32 23.37 14.56 18.23
C PHE A 32 23.11 15.97 17.73
N SER A 33 21.85 16.23 17.43
CA SER A 33 21.38 17.56 17.04
C SER A 33 20.72 18.23 18.24
N LEU A 34 20.79 19.55 18.26
CA LEU A 34 20.25 20.35 19.36
C LEU A 34 19.23 21.34 18.82
N HIS A 35 18.03 21.31 19.39
CA HIS A 35 16.94 22.17 18.97
C HIS A 35 16.62 23.19 20.07
N TRP A 36 15.62 24.01 19.80
CA TRP A 36 15.07 24.91 20.81
C TRP A 36 13.56 24.90 20.69
N VAL A 37 12.88 24.70 21.80
CA VAL A 37 11.43 24.59 21.82
C VAL A 37 10.89 25.62 22.81
N ARG A 38 10.12 26.57 22.31
CA ARG A 38 9.49 27.62 23.10
C ARG A 38 8.27 27.09 23.83
N GLN A 39 7.79 27.87 24.80
CA GLN A 39 6.46 27.65 25.36
C GLN A 39 5.94 28.98 25.87
N ALA A 40 4.94 29.53 25.19
CA ALA A 40 4.26 30.71 25.67
C ALA A 40 3.47 30.39 26.93
N PRO A 41 3.25 31.37 27.81
CA PRO A 41 2.57 31.06 29.07
C PRO A 41 1.09 30.79 28.88
N GLY A 42 0.70 29.53 29.01
CA GLY A 42 -0.67 29.13 28.76
C GLY A 42 -0.96 28.74 27.33
N LYS A 43 0.04 28.34 26.56
CA LYS A 43 -0.14 27.92 25.18
C LYS A 43 0.71 26.69 24.92
N GLY A 44 0.66 26.20 23.69
CA GLY A 44 1.44 25.03 23.32
C GLY A 44 2.89 25.35 23.04
N LEU A 45 3.67 24.28 22.88
CA LEU A 45 5.08 24.43 22.58
C LEU A 45 5.27 24.86 21.13
N GLU A 46 6.38 25.57 20.88
CA GLU A 46 6.67 26.08 19.55
C GLU A 46 8.14 25.88 19.21
N TRP A 47 8.40 25.49 17.97
CA TRP A 47 9.75 25.29 17.49
C TRP A 47 10.43 26.62 17.20
N VAL A 48 11.74 26.68 17.43
CA VAL A 48 12.47 27.93 17.32
C VAL A 48 13.59 27.83 16.30
N ALA A 49 14.57 26.97 16.56
CA ALA A 49 15.75 26.82 15.71
C ALA A 49 16.46 25.54 16.10
N TYR A 50 17.53 25.21 15.38
CA TYR A 50 18.32 24.03 15.69
C TYR A 50 19.68 24.16 15.02
N ILE A 51 20.56 23.21 15.34
CA ILE A 51 21.91 23.17 14.77
C ILE A 51 22.42 21.73 14.81
N SER A 52 23.22 21.37 13.81
CA SER A 52 23.88 20.08 13.74
C SER A 52 25.36 20.31 13.48
N SER A 53 26.21 19.82 14.38
CA SER A 53 27.64 20.09 14.30
C SER A 53 28.38 19.16 13.34
N SER A 54 27.73 18.12 12.84
CA SER A 54 28.37 17.25 11.87
C SER A 54 28.36 17.84 10.46
N SER A 55 27.52 18.85 10.21
CA SER A 55 27.48 19.47 8.90
C SER A 55 27.37 20.99 8.94
N GLY A 56 27.29 21.60 10.12
CA GLY A 56 27.17 23.04 10.21
C GLY A 56 25.86 23.60 9.71
N SER A 57 24.86 22.76 9.46
CA SER A 57 23.61 23.21 8.88
C SER A 57 22.67 23.70 9.98
N THR A 58 22.10 24.89 9.78
CA THR A 58 21.14 25.47 10.70
C THR A 58 19.92 25.94 9.93
N SER A 59 18.76 25.81 10.56
CA SER A 59 17.51 26.31 9.99
C SER A 59 16.67 26.91 11.11
N TYR A 60 16.03 28.03 10.81
CA TYR A 60 15.27 28.77 11.80
C TYR A 60 13.78 28.69 11.48
N ALA A 61 12.98 29.40 12.26
CA ALA A 61 11.54 29.42 12.12
C ALA A 61 11.07 30.67 11.38
N ASP A 62 9.83 30.62 10.89
CA ASP A 62 9.28 31.76 10.16
C ASP A 62 9.01 32.95 11.08
N SER A 63 8.98 32.75 12.39
CA SER A 63 8.73 33.85 13.30
C SER A 63 10.01 34.53 13.77
N VAL A 64 11.12 33.81 13.76
CA VAL A 64 12.39 34.34 14.26
C VAL A 64 13.47 34.20 13.18
N LYS A 65 13.04 34.19 11.92
CA LYS A 65 13.93 33.84 10.81
C LYS A 65 15.13 34.77 10.74
N GLY A 66 14.90 36.08 10.71
CA GLY A 66 15.96 37.03 10.48
C GLY A 66 16.64 37.60 11.70
N ARG A 67 16.20 37.23 12.90
CA ARG A 67 16.70 37.87 14.12
C ARG A 67 17.64 36.99 14.92
N PHE A 68 17.39 35.70 15.02
CA PHE A 68 18.16 34.83 15.90
C PHE A 68 19.34 34.24 15.15
N THR A 69 20.35 33.84 15.92
CA THR A 69 21.54 33.20 15.37
C THR A 69 21.98 32.09 16.31
N ILE A 70 22.24 30.91 15.76
CA ILE A 70 22.59 29.74 16.55
C ILE A 70 24.00 29.29 16.16
N SER A 71 24.79 28.92 17.16
CA SER A 71 26.16 28.47 16.94
C SER A 71 26.55 27.51 18.04
N ALA A 72 27.33 26.49 17.67
CA ALA A 72 27.73 25.43 18.58
C ALA A 72 29.18 25.60 19.01
N ASP A 73 29.62 24.71 19.89
CA ASP A 73 31.01 24.71 20.36
C ASP A 73 31.31 23.27 20.82
N THR A 74 32.02 22.53 19.98
CA THR A 74 32.28 21.12 20.27
C THR A 74 33.12 20.96 21.54
N SER A 75 34.16 21.78 21.70
CA SER A 75 35.10 21.61 22.80
C SER A 75 34.48 21.87 24.17
N LYS A 76 33.29 22.47 24.24
CA LYS A 76 32.66 22.80 25.51
C LYS A 76 31.31 22.14 25.70
N ASN A 77 30.80 21.42 24.70
CA ASN A 77 29.50 20.74 24.78
C ASN A 77 28.36 21.72 25.04
N THR A 78 28.44 22.91 24.44
CA THR A 78 27.38 23.90 24.52
C THR A 78 27.08 24.46 23.13
N ALA A 79 25.80 24.73 22.89
CA ALA A 79 25.34 25.36 21.66
C ALA A 79 24.65 26.66 22.02
N TYR A 80 25.07 27.75 21.39
CA TYR A 80 24.66 29.08 21.77
C TYR A 80 23.52 29.56 20.89
N LEU A 81 22.52 30.18 21.50
CA LEU A 81 21.46 30.86 20.79
C LEU A 81 21.55 32.36 21.06
N GLN A 82 21.42 33.16 20.01
CA GLN A 82 21.57 34.60 20.11
C GLN A 82 20.23 35.28 19.90
N MET A 83 19.86 36.15 20.85
CA MET A 83 18.63 36.92 20.76
C MET A 83 18.97 38.29 20.19
N ASN A 84 18.17 38.76 19.24
CA ASN A 84 18.38 40.09 18.66
C ASN A 84 17.03 40.75 18.40
N SER A 85 16.87 41.96 18.94
CA SER A 85 15.66 42.76 18.76
C SER A 85 14.43 41.98 19.20
N LEU A 86 14.45 41.55 20.45
CA LEU A 86 13.37 40.74 20.98
C LEU A 86 12.05 41.52 21.01
N ARG A 87 10.99 40.89 20.53
CA ARG A 87 9.68 41.48 20.48
C ARG A 87 8.88 41.10 21.72
N ALA A 88 7.63 41.54 21.77
CA ALA A 88 6.78 41.23 22.91
C ALA A 88 6.30 39.78 22.88
N GLU A 89 6.19 39.19 21.70
CA GLU A 89 5.71 37.80 21.59
C GLU A 89 6.72 36.79 22.09
N ASP A 90 7.95 37.20 22.38
CA ASP A 90 9.00 36.29 22.83
C ASP A 90 9.16 36.29 24.34
N THR A 91 8.06 36.49 25.07
CA THR A 91 8.08 36.42 26.54
C THR A 91 7.68 35.02 27.00
N ALA A 92 8.47 34.04 26.56
CA ALA A 92 8.14 32.64 26.77
C ALA A 92 9.33 31.86 27.29
N VAL A 93 9.04 30.80 28.04
CA VAL A 93 10.08 29.95 28.63
C VAL A 93 10.63 29.02 27.55
N TYR A 94 11.95 28.84 27.55
CA TYR A 94 12.63 28.17 26.45
C TYR A 94 13.28 26.87 26.92
N TYR A 95 13.11 25.82 26.13
CA TYR A 95 13.69 24.52 26.43
C TYR A 95 14.74 24.15 25.38
N CYS A 96 15.72 23.38 25.80
CA CYS A 96 16.75 22.84 24.93
C CYS A 96 16.55 21.33 24.81
N ALA A 97 16.59 20.81 23.59
CA ALA A 97 16.24 19.43 23.35
C ALA A 97 17.25 18.78 22.42
N ARG A 98 17.39 17.46 22.56
CA ARG A 98 18.36 16.67 21.81
C ARG A 98 17.64 15.65 20.94
N TRP A 99 18.06 15.54 19.69
CA TRP A 99 17.48 14.65 18.70
C TRP A 99 18.61 13.89 18.02
N GLY A 100 18.41 12.60 17.81
CA GLY A 100 19.44 11.76 17.24
C GLY A 100 19.63 12.02 15.75
N TYR A 101 20.47 11.18 15.14
CA TYR A 101 20.81 11.28 13.73
C TYR A 101 20.09 10.20 12.92
N TRP A 102 20.06 10.40 11.60
CA TRP A 102 19.15 9.63 10.74
C TRP A 102 19.33 8.12 10.87
N PRO A 103 20.49 7.53 10.57
CA PRO A 103 20.53 6.07 10.47
C PRO A 103 20.42 5.38 11.82
N GLY A 104 19.28 4.76 12.08
CA GLY A 104 19.09 3.92 13.25
C GLY A 104 17.97 4.42 14.13
N GLU A 105 17.90 3.84 15.33
CA GLU A 105 16.89 4.24 16.31
C GLU A 105 16.98 5.70 16.74
N PRO A 106 18.16 6.30 16.97
CA PRO A 106 18.19 7.67 17.51
C PRO A 106 17.35 8.68 16.76
N TRP A 107 17.26 8.60 15.42
CA TRP A 107 16.39 9.52 14.71
C TRP A 107 14.93 9.33 15.11
N TRP A 108 14.51 8.08 15.29
CA TRP A 108 13.12 7.79 15.59
C TRP A 108 12.70 8.34 16.95
N LYS A 109 13.57 8.21 17.95
CA LYS A 109 13.28 8.76 19.26
C LYS A 109 13.43 10.27 19.24
N ALA A 110 12.35 10.97 18.94
CA ALA A 110 12.42 12.42 18.76
C ALA A 110 12.40 13.11 20.11
N PHE A 111 13.46 13.87 20.38
CA PHE A 111 13.56 14.70 21.59
C PHE A 111 13.42 13.84 22.85
N ASP A 112 14.38 12.93 23.00
CA ASP A 112 14.34 12.01 24.14
C ASP A 112 14.69 12.71 25.44
N TYR A 113 15.64 13.63 25.40
CA TYR A 113 16.09 14.33 26.59
C TYR A 113 15.94 15.82 26.40
N TRP A 114 15.01 16.42 27.15
CA TRP A 114 14.79 17.85 27.10
C TRP A 114 15.58 18.53 28.22
N GLY A 115 15.31 19.82 28.40
CA GLY A 115 15.94 20.58 29.46
C GLY A 115 14.93 21.16 30.42
N GLN A 116 15.38 21.57 31.60
CA GLN A 116 14.46 22.15 32.58
C GLN A 116 13.83 23.43 32.04
N GLY A 117 14.64 24.28 31.42
CA GLY A 117 14.12 25.46 30.76
C GLY A 117 14.39 26.73 31.54
N THR A 118 14.52 27.84 30.80
CA THR A 118 14.70 29.16 31.38
C THR A 118 13.63 30.10 30.83
N LEU A 119 13.24 31.07 31.65
CA LEU A 119 12.16 31.99 31.33
C LEU A 119 12.72 33.36 30.97
N VAL A 120 12.28 33.89 29.83
CA VAL A 120 12.65 35.23 29.40
C VAL A 120 11.38 36.05 29.24
N THR A 121 11.46 37.32 29.63
CA THR A 121 10.31 38.21 29.64
C THR A 121 10.67 39.52 28.98
N VAL A 122 9.79 40.01 28.12
CA VAL A 122 10.00 41.27 27.42
C VAL A 122 8.88 42.22 27.80
N SER A 123 9.25 43.36 28.38
CA SER A 123 8.29 44.40 28.73
C SER A 123 8.95 45.75 28.54
N SER A 124 8.13 46.76 28.22
CA SER A 124 8.67 48.09 27.99
C SER A 124 9.31 48.65 29.26
N ALA A 125 8.66 48.44 30.41
CA ALA A 125 9.17 48.98 31.67
C ALA A 125 9.11 47.93 32.79
N ASP B 1 3.46 23.79 5.66
CA ASP B 1 3.98 23.10 6.83
C ASP B 1 3.00 22.03 7.31
N ILE B 2 3.52 20.87 7.68
CA ILE B 2 2.65 19.80 8.17
C ILE B 2 2.02 20.25 9.48
N GLN B 3 0.70 20.13 9.58
CA GLN B 3 -0.06 20.72 10.66
C GLN B 3 -0.62 19.64 11.57
N MET B 4 -0.53 19.87 12.87
CA MET B 4 -1.01 18.95 13.89
C MET B 4 -2.18 19.58 14.62
N THR B 5 -3.27 18.82 14.77
CA THR B 5 -4.45 19.32 15.47
C THR B 5 -4.96 18.23 16.40
N GLN B 6 -5.25 18.61 17.64
CA GLN B 6 -5.84 17.71 18.62
C GLN B 6 -7.30 18.09 18.82
N SER B 7 -8.20 17.15 18.53
CA SER B 7 -9.63 17.44 18.51
C SER B 7 -10.21 17.54 19.93
N PRO B 8 -10.04 16.52 20.79
CA PRO B 8 -10.66 16.66 22.12
C PRO B 8 -9.87 17.60 23.02
N SER B 9 -10.15 18.91 22.88
CA SER B 9 -9.37 19.93 23.57
C SER B 9 -9.40 19.80 25.08
N SER B 10 -10.41 19.13 25.63
CA SER B 10 -10.48 18.89 27.07
C SER B 10 -11.29 17.64 27.33
N LEU B 11 -10.80 16.79 28.23
CA LEU B 11 -11.48 15.57 28.61
C LEU B 11 -11.69 15.55 30.11
N SER B 12 -12.78 14.91 30.53
CA SER B 12 -13.10 14.75 31.95
C SER B 12 -13.16 13.25 32.24
N ALA B 13 -12.31 12.79 33.15
CA ALA B 13 -12.27 11.39 33.52
C ALA B 13 -11.81 11.26 34.96
N SER B 14 -12.16 10.14 35.57
CA SER B 14 -11.80 9.83 36.95
C SER B 14 -10.73 8.74 36.96
N VAL B 15 -10.21 8.45 38.14
CA VAL B 15 -9.13 7.48 38.26
C VAL B 15 -9.68 6.08 38.05
N GLY B 16 -9.05 5.35 37.13
CA GLY B 16 -9.46 4.00 36.79
C GLY B 16 -10.29 3.89 35.53
N ASP B 17 -10.71 5.01 34.95
CA ASP B 17 -11.50 4.98 33.73
C ASP B 17 -10.58 4.78 32.52
N ARG B 18 -11.13 4.95 31.32
CA ARG B 18 -10.36 4.83 30.08
C ARG B 18 -10.41 6.15 29.33
N VAL B 19 -9.25 6.60 28.86
CA VAL B 19 -9.11 7.89 28.19
C VAL B 19 -8.49 7.67 26.82
N THR B 20 -9.02 8.36 25.82
CA THR B 20 -8.51 8.32 24.45
C THR B 20 -8.28 9.74 23.97
N ILE B 21 -7.11 9.99 23.37
CA ILE B 21 -6.71 11.31 22.92
C ILE B 21 -6.26 11.19 21.47
N THR B 22 -6.80 12.05 20.60
CA THR B 22 -6.62 11.91 19.16
C THR B 22 -5.80 13.04 18.57
N CYS B 23 -5.30 12.81 17.36
CA CYS B 23 -4.49 13.75 16.61
C CYS B 23 -4.69 13.43 15.12
N ARG B 24 -4.67 14.46 14.27
CA ARG B 24 -4.94 14.28 12.86
C ARG B 24 -3.93 15.07 12.04
N ALA B 25 -3.23 14.38 11.15
CA ALA B 25 -2.18 14.99 10.34
C ALA B 25 -2.76 15.60 9.07
N SER B 26 -2.18 16.74 8.67
CA SER B 26 -2.59 17.40 7.43
C SER B 26 -1.84 16.88 6.21
N GLN B 27 -0.87 15.99 6.40
CA GLN B 27 -0.07 15.47 5.30
C GLN B 27 0.42 14.09 5.69
N SER B 28 0.83 13.31 4.70
CA SER B 28 1.29 11.95 4.94
C SER B 28 2.65 12.01 5.62
N VAL B 29 2.67 11.75 6.93
CA VAL B 29 3.90 11.60 7.69
C VAL B 29 3.94 10.14 8.15
N SER B 30 4.83 9.36 7.55
CA SER B 30 4.91 7.94 7.87
C SER B 30 5.36 7.77 9.32
N SER B 31 4.43 7.35 10.17
CA SER B 31 4.63 7.40 11.61
C SER B 31 5.09 8.79 12.01
N ALA B 32 6.30 8.89 12.56
CA ALA B 32 6.93 10.18 12.87
C ALA B 32 6.01 11.07 13.71
N VAL B 33 5.37 10.48 14.72
CA VAL B 33 4.54 11.20 15.66
C VAL B 33 4.89 10.74 17.06
N ALA B 34 5.04 11.70 17.98
CA ALA B 34 5.40 11.41 19.36
C ALA B 34 4.45 12.15 20.29
N TRP B 35 4.18 11.54 21.44
CA TRP B 35 3.27 12.09 22.42
C TRP B 35 4.04 12.45 23.69
N TYR B 36 3.75 13.64 24.22
CA TYR B 36 4.41 14.15 25.42
C TYR B 36 3.37 14.47 26.48
N GLN B 37 3.68 14.13 27.73
CA GLN B 37 2.82 14.41 28.87
C GLN B 37 3.47 15.54 29.67
N GLN B 38 2.92 16.73 29.57
CA GLN B 38 3.47 17.91 30.23
C GLN B 38 2.74 18.12 31.55
N LYS B 39 3.45 17.89 32.65
CA LYS B 39 2.92 18.15 33.97
C LYS B 39 2.79 19.66 34.17
N PRO B 40 1.93 20.09 35.12
CA PRO B 40 1.84 21.53 35.40
C PRO B 40 3.18 22.12 35.84
N GLY B 41 3.72 23.01 35.03
CA GLY B 41 5.01 23.61 35.33
C GLY B 41 6.19 22.65 35.30
N LYS B 42 6.24 21.77 34.31
CA LYS B 42 7.36 20.85 34.14
C LYS B 42 7.63 20.64 32.67
N ALA B 43 8.85 20.20 32.37
CA ALA B 43 9.26 19.99 30.99
C ALA B 43 8.56 18.77 30.41
N PRO B 44 8.42 18.71 29.09
CA PRO B 44 7.75 17.56 28.47
C PRO B 44 8.53 16.27 28.66
N LYS B 45 7.79 15.16 28.71
CA LYS B 45 8.35 13.83 28.85
C LYS B 45 7.91 12.98 27.67
N LEU B 46 8.82 12.13 27.20
CA LEU B 46 8.54 11.29 26.04
C LEU B 46 7.80 10.04 26.49
N LEU B 47 6.56 9.88 26.01
CA LEU B 47 5.75 8.72 26.36
C LEU B 47 5.78 7.67 25.24
N ILE B 48 5.39 8.05 24.04
CA ILE B 48 5.26 7.14 22.92
C ILE B 48 5.97 7.77 21.72
N TYR B 49 6.95 7.05 21.17
CA TYR B 49 7.64 7.50 19.97
C TYR B 49 7.41 6.51 18.85
N SER B 50 7.72 6.93 17.63
CA SER B 50 7.44 6.18 16.40
C SER B 50 5.95 5.94 16.20
N ALA B 51 5.13 6.67 16.96
CA ALA B 51 3.66 6.66 16.87
C ALA B 51 3.05 5.38 17.41
N SER B 52 3.87 4.39 17.73
CA SER B 52 3.39 3.17 18.36
C SER B 52 4.30 2.59 19.42
N SER B 53 5.56 3.01 19.49
CA SER B 53 6.53 2.33 20.33
C SER B 53 6.62 3.01 21.70
N LEU B 54 7.05 2.24 22.68
CA LEU B 54 7.17 2.70 24.06
C LEU B 54 8.61 3.10 24.36
N TYR B 55 8.76 4.12 25.19
CA TYR B 55 10.05 4.56 25.69
C TYR B 55 10.29 3.95 27.07
N SER B 56 11.50 3.45 27.29
CA SER B 56 11.83 2.80 28.56
C SER B 56 11.71 3.79 29.71
N GLY B 57 11.05 3.35 30.78
CA GLY B 57 10.84 4.19 31.94
C GLY B 57 9.39 4.56 32.12
N VAL B 58 8.70 4.79 31.01
CA VAL B 58 7.29 5.17 31.04
C VAL B 58 6.45 3.95 31.42
N PRO B 59 5.40 4.11 32.23
CA PRO B 59 4.57 2.94 32.61
C PRO B 59 3.90 2.33 31.39
N SER B 60 3.36 1.12 31.61
CA SER B 60 2.87 0.29 30.51
C SER B 60 1.42 0.58 30.13
N ARG B 61 0.72 1.45 30.84
CA ARG B 61 -0.67 1.75 30.47
C ARG B 61 -0.73 2.93 29.49
N PHE B 62 0.10 2.84 28.46
CA PHE B 62 0.19 3.84 27.41
C PHE B 62 0.41 3.12 26.09
N SER B 63 -0.36 3.49 25.07
CA SER B 63 -0.23 2.86 23.77
C SER B 63 -0.84 3.76 22.71
N GLY B 64 -0.40 3.57 21.46
CA GLY B 64 -0.89 4.37 20.37
C GLY B 64 -1.16 3.53 19.14
N SER B 65 -1.82 4.14 18.17
CA SER B 65 -2.16 3.47 16.93
C SER B 65 -2.25 4.51 15.82
N ARG B 66 -1.78 4.12 14.64
CA ARG B 66 -1.80 4.99 13.46
C ARG B 66 -2.73 4.41 12.41
N SER B 67 -3.55 5.26 11.82
CA SER B 67 -4.45 4.86 10.74
C SER B 67 -4.47 6.00 9.73
N GLY B 68 -3.83 5.79 8.58
CA GLY B 68 -3.73 6.85 7.59
C GLY B 68 -2.94 8.03 8.11
N THR B 69 -3.62 9.14 8.38
CA THR B 69 -2.99 10.31 8.97
C THR B 69 -3.58 10.67 10.32
N ASP B 70 -4.24 9.71 10.99
CA ASP B 70 -4.88 9.93 12.27
C ASP B 70 -4.14 9.14 13.34
N PHE B 71 -3.78 9.82 14.43
CA PHE B 71 -3.02 9.21 15.51
C PHE B 71 -3.80 9.32 16.82
N THR B 72 -3.78 8.24 17.60
CA THR B 72 -4.56 8.18 18.83
C THR B 72 -3.72 7.59 19.95
N LEU B 73 -4.06 7.95 21.18
CA LEU B 73 -3.39 7.46 22.38
C LEU B 73 -4.45 6.97 23.37
N THR B 74 -4.09 5.92 24.12
CA THR B 74 -5.03 5.30 25.05
C THR B 74 -4.34 5.05 26.39
N ILE B 75 -5.06 5.31 27.47
CA ILE B 75 -4.56 5.15 28.83
C ILE B 75 -5.60 4.40 29.66
N SER B 76 -5.12 3.75 30.72
CA SER B 76 -5.97 3.24 31.80
C SER B 76 -5.58 4.05 33.03
N SER B 77 -6.21 5.21 33.20
CA SER B 77 -5.67 6.27 34.04
C SER B 77 -5.50 5.82 35.49
N LEU B 78 -4.38 6.22 36.08
CA LEU B 78 -4.10 6.01 37.49
C LEU B 78 -4.12 7.36 38.21
N GLN B 79 -3.86 7.32 39.51
CA GLN B 79 -4.02 8.53 40.33
C GLN B 79 -2.93 9.56 40.10
N PRO B 80 -1.65 9.28 40.38
CA PRO B 80 -0.70 10.39 40.63
C PRO B 80 -0.23 11.15 39.40
N GLU B 81 0.06 10.46 38.30
CA GLU B 81 0.82 11.07 37.22
C GLU B 81 0.08 11.12 35.88
N ASP B 82 -1.19 10.74 35.83
CA ASP B 82 -1.91 10.68 34.57
C ASP B 82 -2.95 11.79 34.44
N PHE B 83 -2.77 12.91 35.14
CA PHE B 83 -3.64 14.07 35.03
C PHE B 83 -2.79 15.28 34.65
N ALA B 84 -2.64 15.52 33.35
CA ALA B 84 -1.85 16.63 32.84
C ALA B 84 -2.21 16.84 31.39
N THR B 85 -1.51 17.76 30.73
CA THR B 85 -1.74 18.08 29.32
C THR B 85 -0.87 17.21 28.44
N TYR B 86 -1.44 16.70 27.36
CA TYR B 86 -0.73 15.83 26.43
C TYR B 86 -0.58 16.51 25.08
N TYR B 87 0.47 16.12 24.36
CA TYR B 87 0.85 16.81 23.13
C TYR B 87 1.12 15.80 22.03
N CYS B 88 1.22 16.32 20.80
CA CYS B 88 1.31 15.49 19.60
C CYS B 88 2.23 16.20 18.63
N GLN B 89 3.44 15.66 18.44
CA GLN B 89 4.47 16.29 17.64
C GLN B 89 4.78 15.45 16.41
N GLN B 90 4.99 16.12 15.28
CA GLN B 90 5.43 15.48 14.04
C GLN B 90 6.88 15.88 13.78
N TYR B 91 7.72 14.91 13.44
CA TYR B 91 9.16 15.12 13.35
C TYR B 91 9.73 14.50 12.09
N LEU B 92 9.10 14.78 10.94
CA LEU B 92 9.57 14.22 9.68
C LEU B 92 10.97 14.70 9.34
N TYR B 93 11.25 15.99 9.51
CA TYR B 93 12.56 16.55 9.23
C TYR B 93 12.94 17.52 10.34
N TYR B 94 14.24 17.80 10.42
CA TYR B 94 14.75 18.66 11.48
C TYR B 94 14.06 20.03 11.49
N SER B 95 13.84 20.60 10.31
CA SER B 95 13.29 21.95 10.19
C SER B 95 11.81 21.94 9.81
N LEU B 96 11.07 20.91 10.21
CA LEU B 96 9.65 20.80 9.89
C LEU B 96 8.81 20.52 11.13
N VAL B 97 9.37 20.70 12.32
CA VAL B 97 8.73 20.25 13.56
C VAL B 97 7.59 21.19 13.91
N THR B 98 6.40 20.64 14.10
CA THR B 98 5.22 21.38 14.51
C THR B 98 4.54 20.63 15.65
N PHE B 99 4.16 21.34 16.69
CA PHE B 99 3.50 20.77 17.85
C PHE B 99 2.00 21.00 17.77
N GLY B 100 1.26 20.17 18.49
CA GLY B 100 -0.19 20.21 18.49
C GLY B 100 -0.72 20.93 19.70
N GLN B 101 -1.85 21.62 19.52
CA GLN B 101 -2.51 22.29 20.63
C GLN B 101 -2.93 21.26 21.67
N GLY B 102 -2.61 21.54 22.92
CA GLY B 102 -2.70 20.53 23.96
C GLY B 102 -4.13 20.25 24.40
N THR B 103 -4.29 19.12 25.08
CA THR B 103 -5.56 18.71 25.66
C THR B 103 -5.37 18.40 27.13
N LYS B 104 -6.34 18.79 27.95
CA LYS B 104 -6.26 18.66 29.39
C LYS B 104 -7.27 17.63 29.88
N VAL B 105 -6.85 16.84 30.88
CA VAL B 105 -7.69 15.81 31.48
C VAL B 105 -7.96 16.25 32.91
N GLU B 106 -9.12 16.86 33.13
CA GLU B 106 -9.50 17.36 34.45
C GLU B 106 -10.02 16.20 35.30
N ILE B 107 -10.59 16.52 36.46
CA ILE B 107 -11.17 15.53 37.37
C ILE B 107 -12.63 15.88 37.57
N LYS B 108 -13.51 14.90 37.38
CA LYS B 108 -14.95 15.11 37.52
C LYS B 108 -15.34 15.47 38.95
N VAL C 8 -32.22 -7.46 -3.58
CA VAL C 8 -31.13 -8.34 -3.96
C VAL C 8 -31.40 -8.96 -5.34
N PHE C 9 -31.00 -10.22 -5.52
CA PHE C 9 -31.12 -10.91 -6.79
C PHE C 9 -31.95 -12.17 -6.62
N LYS C 10 -32.88 -12.39 -7.56
CA LYS C 10 -33.80 -13.52 -7.48
C LYS C 10 -33.97 -14.13 -8.86
N LYS C 11 -34.49 -15.36 -8.87
CA LYS C 11 -34.71 -16.09 -10.11
C LYS C 11 -35.65 -17.25 -9.83
N ALA C 12 -36.73 -17.32 -10.58
CA ALA C 12 -37.78 -18.31 -10.36
C ALA C 12 -37.68 -19.44 -11.37
N SER C 13 -38.24 -20.58 -10.99
CA SER C 13 -38.27 -21.75 -11.85
C SER C 13 -39.27 -21.55 -12.97
N PRO C 14 -39.21 -22.37 -14.02
CA PRO C 14 -40.25 -22.33 -15.05
C PRO C 14 -41.65 -22.50 -14.48
N ASN C 15 -41.80 -23.31 -13.45
CA ASN C 15 -43.00 -23.30 -12.61
C ASN C 15 -42.62 -22.44 -11.41
N GLY C 16 -43.02 -21.17 -11.44
CA GLY C 16 -42.54 -20.20 -10.48
C GLY C 16 -43.08 -20.38 -9.07
N LYS C 17 -42.86 -21.55 -8.48
CA LYS C 17 -43.24 -21.82 -7.10
C LYS C 17 -42.03 -22.03 -6.21
N LEU C 18 -40.85 -21.60 -6.66
CA LEU C 18 -39.61 -21.81 -5.92
C LEU C 18 -38.66 -20.69 -6.33
N THR C 19 -38.38 -19.77 -5.41
CA THR C 19 -37.60 -18.58 -5.70
C THR C 19 -36.35 -18.54 -4.84
N VAL C 20 -35.21 -18.28 -5.47
CA VAL C 20 -33.91 -18.29 -4.80
C VAL C 20 -33.37 -16.86 -4.82
N TYR C 21 -32.92 -16.40 -3.66
CA TYR C 21 -32.31 -15.09 -3.52
C TYR C 21 -30.86 -15.24 -3.07
N LEU C 22 -30.04 -14.26 -3.41
CA LEU C 22 -28.64 -14.23 -3.01
C LEU C 22 -28.24 -12.80 -2.71
N GLY C 23 -27.20 -12.65 -1.90
CA GLY C 23 -26.68 -11.32 -1.60
C GLY C 23 -25.76 -10.76 -2.66
N LYS C 24 -25.13 -11.63 -3.46
CA LYS C 24 -24.17 -11.21 -4.46
C LYS C 24 -24.22 -12.16 -5.64
N ARG C 25 -23.57 -11.75 -6.72
CA ARG C 25 -23.31 -12.65 -7.84
C ARG C 25 -21.84 -13.02 -7.95
N ASP C 26 -20.94 -12.22 -7.39
CA ASP C 26 -19.51 -12.49 -7.42
C ASP C 26 -18.98 -12.58 -6.00
N PHE C 27 -18.16 -13.60 -5.76
CA PHE C 27 -17.58 -13.85 -4.45
C PHE C 27 -16.06 -13.78 -4.57
N VAL C 28 -15.43 -13.13 -3.59
CA VAL C 28 -13.98 -12.90 -3.63
C VAL C 28 -13.29 -14.07 -2.93
N ASP C 29 -12.09 -14.41 -3.41
CA ASP C 29 -11.27 -15.44 -2.79
C ASP C 29 -10.31 -14.81 -1.81
N HIS C 30 -10.55 -15.03 -0.52
CA HIS C 30 -9.54 -14.85 0.50
C HIS C 30 -8.85 -16.19 0.67
N ILE C 31 -7.51 -16.19 0.63
CA ILE C 31 -6.78 -17.45 0.62
C ILE C 31 -7.07 -18.27 1.87
N ASP C 32 -7.40 -17.60 2.97
CA ASP C 32 -7.76 -18.33 4.18
C ASP C 32 -9.14 -18.98 4.05
N LEU C 33 -10.13 -18.24 3.56
CA LEU C 33 -11.48 -18.75 3.42
C LEU C 33 -12.29 -17.85 2.50
N VAL C 34 -12.90 -18.44 1.48
CA VAL C 34 -13.82 -17.70 0.62
C VAL C 34 -15.08 -17.33 1.40
N ASP C 35 -15.69 -16.22 1.01
CA ASP C 35 -16.94 -15.77 1.68
C ASP C 35 -18.00 -16.85 1.50
N PRO C 36 -18.89 -17.08 2.49
CA PRO C 36 -19.97 -18.05 2.33
C PRO C 36 -21.08 -17.52 1.45
N VAL C 37 -21.80 -18.45 0.84
CA VAL C 37 -22.95 -18.12 0.00
C VAL C 37 -24.18 -18.10 0.89
N ASP C 38 -24.81 -16.93 1.01
CA ASP C 38 -26.01 -16.75 1.81
C ASP C 38 -27.21 -16.55 0.89
N GLY C 39 -28.29 -17.27 1.17
CA GLY C 39 -29.49 -17.16 0.37
C GLY C 39 -30.70 -17.66 1.13
N VAL C 40 -31.87 -17.38 0.58
CA VAL C 40 -33.14 -17.79 1.15
C VAL C 40 -33.96 -18.45 0.07
N VAL C 41 -34.62 -19.56 0.42
CA VAL C 41 -35.42 -20.33 -0.52
C VAL C 41 -36.88 -20.12 -0.15
N LEU C 42 -37.64 -19.54 -1.07
CA LEU C 42 -39.07 -19.36 -0.91
C LEU C 42 -39.82 -20.41 -1.70
N VAL C 43 -40.73 -21.11 -1.03
CA VAL C 43 -41.50 -22.19 -1.66
C VAL C 43 -42.95 -22.06 -1.24
N ASP C 44 -43.77 -23.04 -1.63
CA ASP C 44 -45.13 -23.15 -1.12
C ASP C 44 -45.36 -24.60 -0.70
N PRO C 45 -45.75 -24.86 0.55
CA PRO C 45 -45.93 -26.24 0.99
C PRO C 45 -47.05 -26.98 0.27
N GLU C 46 -47.98 -26.27 -0.37
CA GLU C 46 -49.06 -26.95 -1.07
C GLU C 46 -48.53 -27.71 -2.28
N TYR C 47 -47.68 -27.06 -3.09
CA TYR C 47 -47.02 -27.75 -4.18
C TYR C 47 -45.98 -28.75 -3.68
N LEU C 48 -45.56 -28.61 -2.44
CA LEU C 48 -44.68 -29.56 -1.76
C LEU C 48 -45.46 -30.46 -0.82
N LYS C 49 -46.64 -30.93 -1.25
CA LYS C 49 -47.54 -31.64 -0.36
C LYS C 49 -46.85 -32.79 0.36
N GLU C 50 -46.15 -33.63 -0.39
CA GLU C 50 -45.22 -34.61 0.17
C GLU C 50 -43.94 -34.54 -0.65
N ARG C 51 -43.05 -33.62 -0.28
CA ARG C 51 -41.83 -33.38 -1.07
C ARG C 51 -41.01 -32.29 -0.39
N ARG C 52 -39.70 -32.28 -0.60
CA ARG C 52 -38.81 -31.32 0.05
C ARG C 52 -37.92 -30.64 -0.98
N VAL C 53 -37.55 -29.39 -0.68
CA VAL C 53 -36.76 -28.55 -1.57
C VAL C 53 -35.29 -28.73 -1.28
N TYR C 54 -34.47 -28.69 -2.33
CA TYR C 54 -33.06 -29.06 -2.29
C TYR C 54 -32.20 -27.89 -2.77
N VAL C 55 -31.00 -27.79 -2.24
CA VAL C 55 -30.01 -26.81 -2.67
C VAL C 55 -28.67 -27.51 -2.83
N THR C 56 -27.84 -27.04 -3.76
CA THR C 56 -26.51 -27.62 -3.97
C THR C 56 -25.56 -26.53 -4.47
N LEU C 57 -24.31 -26.94 -4.70
CA LEU C 57 -23.28 -26.09 -5.26
C LEU C 57 -22.17 -26.97 -5.81
N THR C 58 -21.88 -26.81 -7.10
CA THR C 58 -20.86 -27.61 -7.76
C THR C 58 -19.95 -26.72 -8.59
N CYS C 59 -18.71 -27.18 -8.79
CA CYS C 59 -17.74 -26.49 -9.65
C CYS C 59 -17.86 -27.14 -11.03
N ALA C 60 -18.81 -26.65 -11.81
CA ALA C 60 -19.18 -27.29 -13.07
C ALA C 60 -18.10 -27.09 -14.13
N PHE C 61 -18.10 -27.99 -15.10
CA PHE C 61 -17.19 -27.95 -16.24
C PHE C 61 -18.02 -27.97 -17.52
N ARG C 62 -17.61 -27.15 -18.49
CA ARG C 62 -18.40 -26.95 -19.71
C ARG C 62 -17.50 -26.99 -20.94
N TYR C 63 -18.13 -27.30 -22.07
CA TYR C 63 -17.45 -27.32 -23.37
C TYR C 63 -18.47 -27.11 -24.48
N GLY C 64 -18.08 -26.37 -25.50
CA GLY C 64 -18.94 -26.13 -26.64
C GLY C 64 -20.16 -25.29 -26.31
N LEU C 71 -26.82 -32.71 -21.75
CA LEU C 71 -26.38 -33.49 -22.91
C LEU C 71 -26.05 -32.58 -24.10
N GLY C 72 -25.37 -31.47 -23.82
CA GLY C 72 -25.00 -30.53 -24.85
C GLY C 72 -23.72 -30.91 -25.57
N LEU C 73 -23.53 -32.21 -25.82
CA LEU C 73 -22.32 -32.73 -26.47
C LEU C 73 -21.06 -32.31 -25.72
N THR C 74 -21.11 -32.40 -24.39
CA THR C 74 -20.04 -31.93 -23.53
C THR C 74 -19.36 -33.10 -22.84
N PHE C 75 -18.03 -33.15 -22.92
CA PHE C 75 -17.26 -33.98 -22.02
C PHE C 75 -17.18 -33.29 -20.66
N ARG C 76 -17.23 -34.07 -19.59
CA ARG C 76 -17.28 -33.52 -18.25
C ARG C 76 -16.27 -34.19 -17.34
N LYS C 77 -15.61 -33.37 -16.53
CA LYS C 77 -14.72 -33.83 -15.46
C LYS C 77 -14.97 -32.85 -14.31
N ASP C 78 -15.92 -33.19 -13.44
CA ASP C 78 -16.44 -32.29 -12.41
C ASP C 78 -16.09 -32.84 -11.04
N LEU C 79 -15.65 -31.96 -10.14
CA LEU C 79 -15.28 -32.40 -8.80
C LEU C 79 -15.58 -31.29 -7.79
N PHE C 80 -16.77 -31.34 -7.21
CA PHE C 80 -17.08 -30.74 -5.92
C PHE C 80 -18.51 -31.11 -5.54
N VAL C 81 -18.76 -31.13 -4.23
CA VAL C 81 -20.08 -31.44 -3.68
C VAL C 81 -20.33 -30.50 -2.51
N ALA C 82 -21.55 -29.97 -2.42
CA ALA C 82 -21.98 -29.14 -1.30
C ALA C 82 -23.48 -29.29 -1.15
N ASN C 83 -23.93 -29.71 0.02
CA ASN C 83 -25.34 -30.08 0.23
C ASN C 83 -25.88 -29.43 1.50
N VAL C 84 -26.94 -28.65 1.34
CA VAL C 84 -27.74 -28.13 2.46
C VAL C 84 -29.20 -28.14 2.01
N GLN C 85 -30.00 -29.02 2.59
CA GLN C 85 -31.42 -29.08 2.31
C GLN C 85 -32.20 -28.34 3.39
N SER C 86 -33.28 -27.70 2.99
CA SER C 86 -33.95 -26.71 3.84
C SER C 86 -35.46 -26.93 3.86
N PHE C 87 -35.88 -28.17 4.14
CA PHE C 87 -37.33 -28.48 4.25
C PHE C 87 -37.50 -29.74 5.11
N PRO C 88 -37.78 -29.67 6.42
CA PRO C 88 -37.76 -28.41 7.20
C PRO C 88 -36.35 -27.83 7.36
N PRO C 89 -36.19 -26.54 7.75
CA PRO C 89 -34.85 -25.93 7.79
C PRO C 89 -33.95 -26.46 8.90
N ALA C 90 -34.51 -27.12 9.91
CA ALA C 90 -33.76 -27.49 11.11
C ALA C 90 -33.96 -28.97 11.43
N PRO C 91 -33.21 -29.86 10.78
CA PRO C 91 -33.12 -31.24 11.28
C PRO C 91 -32.43 -31.23 12.62
N GLU C 92 -31.33 -30.50 12.68
CA GLU C 92 -30.70 -30.03 13.91
C GLU C 92 -30.51 -28.53 13.80
N ASP C 93 -30.43 -27.85 14.93
CA ASP C 93 -30.27 -26.41 14.92
C ASP C 93 -28.85 -26.04 14.50
N LYS C 94 -28.48 -26.33 13.26
CA LYS C 94 -27.16 -26.02 12.72
C LYS C 94 -26.95 -24.51 12.74
N LYS C 95 -27.72 -23.80 11.92
CA LYS C 95 -27.85 -22.35 11.87
C LYS C 95 -26.55 -21.60 12.13
N PRO C 96 -25.55 -21.70 11.24
CA PRO C 96 -24.44 -20.72 11.30
C PRO C 96 -24.86 -19.42 10.62
N LEU C 97 -25.72 -18.68 11.30
CA LEU C 97 -26.50 -17.62 10.67
C LEU C 97 -25.64 -16.40 10.34
N THR C 98 -26.08 -15.65 9.33
CA THR C 98 -25.50 -14.37 8.95
C THR C 98 -26.60 -13.32 8.95
N ARG C 99 -26.19 -12.05 9.02
CA ARG C 99 -27.14 -10.96 9.23
C ARG C 99 -28.15 -10.86 8.10
N LEU C 100 -27.68 -10.80 6.86
CA LEU C 100 -28.59 -10.65 5.73
C LEU C 100 -29.45 -11.88 5.54
N GLN C 101 -28.89 -13.07 5.76
CA GLN C 101 -29.67 -14.30 5.62
C GLN C 101 -30.83 -14.34 6.58
N GLU C 102 -30.60 -13.96 7.83
CA GLU C 102 -31.69 -13.93 8.81
C GLU C 102 -32.67 -12.81 8.53
N ARG C 103 -32.17 -11.64 8.11
CA ARG C 103 -33.04 -10.49 7.89
C ARG C 103 -33.85 -10.61 6.60
N LEU C 104 -33.49 -11.53 5.70
CA LEU C 104 -34.22 -11.67 4.45
C LEU C 104 -35.66 -12.11 4.67
N ILE C 105 -35.99 -12.61 5.87
CA ILE C 105 -37.37 -12.95 6.19
C ILE C 105 -38.21 -11.73 6.50
N LYS C 106 -37.65 -10.53 6.35
CA LYS C 106 -38.39 -9.31 6.69
C LYS C 106 -39.67 -9.20 5.86
N LYS C 107 -39.60 -9.50 4.57
CA LYS C 107 -40.77 -9.50 3.71
C LYS C 107 -41.25 -10.90 3.37
N LEU C 108 -40.48 -11.93 3.68
CA LEU C 108 -40.81 -13.29 3.29
C LEU C 108 -41.56 -14.00 4.42
N GLY C 109 -42.55 -14.81 4.03
CA GLY C 109 -43.47 -15.39 4.98
C GLY C 109 -42.94 -16.58 5.76
N GLU C 110 -43.82 -17.55 6.02
CA GLU C 110 -43.50 -18.71 6.84
C GLU C 110 -43.00 -19.89 6.03
N HIS C 111 -42.90 -19.76 4.71
CA HIS C 111 -42.32 -20.82 3.88
C HIS C 111 -40.85 -20.59 3.56
N ALA C 112 -40.35 -19.36 3.71
CA ALA C 112 -38.99 -19.01 3.29
C ALA C 112 -38.00 -19.52 4.33
N TYR C 113 -37.35 -20.64 4.01
CA TYR C 113 -36.26 -21.18 4.83
C TYR C 113 -34.94 -21.05 4.08
N PRO C 114 -33.93 -20.49 4.72
CA PRO C 114 -32.69 -20.17 4.00
C PRO C 114 -31.73 -21.35 3.86
N PHE C 115 -30.52 -21.06 3.38
CA PHE C 115 -29.42 -22.01 3.33
C PHE C 115 -28.12 -21.27 3.61
N THR C 116 -27.06 -22.04 3.85
CA THR C 116 -25.73 -21.47 4.02
C THR C 116 -24.71 -22.46 3.48
N PHE C 117 -23.76 -21.96 2.68
CA PHE C 117 -22.77 -22.78 2.03
C PHE C 117 -21.37 -22.26 2.33
N GLU C 118 -20.37 -23.07 2.00
CA GLU C 118 -18.98 -22.66 2.14
C GLU C 118 -18.16 -23.28 1.02
N ILE C 119 -17.17 -22.52 0.54
CA ILE C 119 -16.31 -22.95 -0.56
C ILE C 119 -14.92 -23.25 -0.01
N PRO C 120 -14.24 -24.28 -0.50
CA PRO C 120 -12.87 -24.52 -0.06
C PRO C 120 -11.96 -23.37 -0.46
N PRO C 121 -10.90 -23.11 0.29
CA PRO C 121 -10.06 -21.94 0.04
C PRO C 121 -9.00 -22.15 -1.04
N ASN C 122 -9.01 -23.26 -1.77
CA ASN C 122 -7.98 -23.53 -2.76
C ASN C 122 -8.56 -24.00 -4.10
N LEU C 123 -9.83 -23.71 -4.37
CA LEU C 123 -10.45 -24.12 -5.60
C LEU C 123 -10.05 -23.18 -6.75
N PRO C 124 -10.14 -23.66 -7.99
CA PRO C 124 -9.84 -22.78 -9.13
C PRO C 124 -10.84 -21.65 -9.26
N CYS C 125 -10.38 -20.53 -9.78
CA CYS C 125 -11.26 -19.39 -10.01
C CYS C 125 -12.07 -19.59 -11.29
N SER C 126 -12.86 -18.57 -11.62
CA SER C 126 -13.79 -18.65 -12.74
C SER C 126 -13.06 -18.23 -14.00
N VAL C 127 -12.57 -19.20 -14.76
CA VAL C 127 -11.89 -18.95 -16.02
C VAL C 127 -12.64 -19.69 -17.13
N THR C 128 -12.66 -19.09 -18.31
CA THR C 128 -13.34 -19.66 -19.46
C THR C 128 -12.58 -19.32 -20.73
N LEU C 129 -12.17 -20.34 -21.48
CA LEU C 129 -11.51 -20.11 -22.75
C LEU C 129 -12.54 -19.74 -23.82
N GLN C 130 -12.07 -19.02 -24.84
CA GLN C 130 -12.94 -18.50 -25.87
C GLN C 130 -12.89 -19.38 -27.11
N PRO C 131 -13.98 -20.06 -27.46
CA PRO C 131 -14.00 -20.82 -28.72
C PRO C 131 -14.46 -19.97 -29.90
N GLY C 132 -14.59 -20.59 -31.07
CA GLY C 132 -15.06 -19.90 -32.24
C GLY C 132 -15.43 -20.86 -33.36
N PRO C 133 -16.02 -20.33 -34.43
CA PRO C 133 -16.34 -21.20 -35.58
C PRO C 133 -15.11 -21.87 -36.17
N GLU C 134 -13.98 -21.17 -36.22
CA GLU C 134 -12.69 -21.74 -36.60
C GLU C 134 -11.68 -21.17 -35.61
N ASP C 135 -11.49 -21.86 -34.50
CA ASP C 135 -10.71 -21.37 -33.38
C ASP C 135 -9.38 -22.12 -33.27
N THR C 136 -8.38 -21.42 -32.75
CA THR C 136 -7.08 -22.04 -32.51
C THR C 136 -7.09 -22.96 -31.31
N GLY C 137 -8.16 -22.95 -30.50
CA GLY C 137 -8.21 -23.75 -29.30
C GLY C 137 -9.59 -24.35 -29.08
N LYS C 138 -9.62 -25.35 -28.23
CA LYS C 138 -10.86 -26.02 -27.88
C LYS C 138 -11.65 -25.17 -26.89
N ALA C 139 -12.88 -25.61 -26.60
CA ALA C 139 -13.73 -24.93 -25.64
C ALA C 139 -13.63 -25.62 -24.28
N CYS C 140 -13.38 -24.84 -23.24
CA CYS C 140 -13.27 -25.36 -21.88
C CYS C 140 -13.51 -24.21 -20.91
N GLY C 141 -13.82 -24.57 -19.67
CA GLY C 141 -14.05 -23.56 -18.65
C GLY C 141 -14.33 -24.18 -17.31
N VAL C 142 -14.25 -23.33 -16.27
CA VAL C 142 -14.56 -23.70 -14.90
C VAL C 142 -15.54 -22.68 -14.36
N ASP C 143 -16.71 -23.14 -13.93
CA ASP C 143 -17.75 -22.25 -13.46
C ASP C 143 -18.54 -22.93 -12.35
N TYR C 144 -19.14 -22.12 -11.49
CA TYR C 144 -19.89 -22.58 -10.32
C TYR C 144 -21.38 -22.40 -10.55
N GLU C 145 -22.16 -23.19 -9.82
CA GLU C 145 -23.60 -23.21 -10.02
C GLU C 145 -24.30 -23.59 -8.72
N VAL C 146 -25.37 -22.86 -8.40
CA VAL C 146 -26.20 -23.14 -7.23
C VAL C 146 -27.55 -23.58 -7.76
N LYS C 147 -27.82 -24.89 -7.68
CA LYS C 147 -28.99 -25.49 -8.31
C LYS C 147 -29.97 -25.91 -7.23
N ALA C 148 -31.24 -25.59 -7.43
CA ALA C 148 -32.28 -25.87 -6.45
C ALA C 148 -33.39 -26.64 -7.13
N PHE C 149 -34.06 -27.49 -6.35
CA PHE C 149 -35.04 -28.42 -6.87
C PHE C 149 -35.75 -29.07 -5.70
N CYS C 150 -36.86 -29.72 -6.00
CA CYS C 150 -37.65 -30.39 -4.97
C CYS C 150 -38.13 -31.75 -5.47
N ALA C 151 -37.86 -32.78 -4.67
CA ALA C 151 -38.28 -34.15 -4.98
C ALA C 151 -38.21 -34.96 -3.70
N GLU C 152 -38.60 -36.24 -3.82
CA GLU C 152 -38.71 -37.09 -2.65
C GLU C 152 -37.36 -37.31 -1.97
N ASN C 153 -36.32 -37.55 -2.75
CA ASN C 153 -34.99 -37.78 -2.18
C ASN C 153 -33.94 -37.22 -3.12
N LEU C 154 -32.68 -37.27 -2.67
CA LEU C 154 -31.59 -36.69 -3.43
C LEU C 154 -31.38 -37.41 -4.76
N GLU C 155 -31.47 -38.73 -4.75
CA GLU C 155 -31.13 -39.52 -5.93
C GLU C 155 -32.21 -39.51 -7.00
N GLU C 156 -33.38 -38.94 -6.72
CA GLU C 156 -34.47 -38.94 -7.69
C GLU C 156 -34.13 -38.09 -8.91
N LYS C 157 -34.70 -38.47 -10.04
CA LYS C 157 -34.43 -37.77 -11.30
C LYS C 157 -34.93 -36.33 -11.24
N ILE C 158 -34.18 -35.45 -11.90
CA ILE C 158 -34.46 -34.02 -11.90
C ILE C 158 -35.60 -33.74 -12.86
N HIS C 159 -36.16 -32.53 -12.79
CA HIS C 159 -37.11 -32.07 -13.80
C HIS C 159 -36.94 -30.58 -14.02
N LYS C 160 -37.25 -30.14 -15.24
CA LYS C 160 -37.01 -28.74 -15.62
C LYS C 160 -38.04 -27.78 -15.03
N ARG C 161 -39.27 -28.24 -14.80
CA ARG C 161 -40.31 -27.40 -14.21
C ARG C 161 -40.20 -27.27 -12.70
N ASN C 162 -39.06 -27.63 -12.12
CA ASN C 162 -38.91 -27.68 -10.68
C ASN C 162 -37.52 -27.18 -10.28
N SER C 163 -36.85 -26.49 -11.19
CA SER C 163 -35.43 -26.23 -11.00
C SER C 163 -35.11 -24.76 -11.16
N VAL C 164 -34.17 -24.29 -10.35
CA VAL C 164 -33.56 -22.97 -10.49
C VAL C 164 -32.06 -23.19 -10.42
N ARG C 165 -31.35 -22.83 -11.49
CA ARG C 165 -29.90 -23.05 -11.57
C ARG C 165 -29.20 -21.72 -11.83
N LEU C 166 -28.75 -21.08 -10.76
CA LEU C 166 -27.96 -19.87 -10.87
C LEU C 166 -26.52 -20.21 -11.26
N VAL C 167 -25.77 -19.19 -11.65
CA VAL C 167 -24.36 -19.32 -11.96
C VAL C 167 -23.62 -18.16 -11.31
N ILE C 168 -22.80 -18.47 -10.32
CA ILE C 168 -22.04 -17.46 -9.59
C ILE C 168 -20.59 -17.50 -10.06
N ARG C 169 -19.82 -16.49 -9.66
CA ARG C 169 -18.44 -16.35 -10.07
C ARG C 169 -17.56 -16.13 -8.84
N LYS C 170 -16.33 -16.64 -8.92
CA LYS C 170 -15.31 -16.42 -7.92
C LYS C 170 -14.20 -15.58 -8.54
N VAL C 171 -13.80 -14.51 -7.84
CA VAL C 171 -12.79 -13.59 -8.33
C VAL C 171 -11.71 -13.39 -7.27
N GLN C 172 -10.46 -13.39 -7.70
CA GLN C 172 -9.34 -12.99 -6.86
C GLN C 172 -9.01 -11.53 -7.14
N TYR C 173 -8.82 -10.77 -6.07
CA TYR C 173 -8.42 -9.37 -6.17
C TYR C 173 -6.97 -9.20 -5.74
N ALA C 174 -6.30 -8.23 -6.36
CA ALA C 174 -4.87 -8.04 -6.15
C ALA C 174 -4.58 -7.64 -4.71
N PRO C 175 -3.43 -8.06 -4.17
CA PRO C 175 -3.07 -7.67 -2.81
C PRO C 175 -2.70 -6.20 -2.71
N ASP C 178 1.23 -0.99 -1.43
CA ASP C 178 1.75 0.17 -0.73
C ASP C 178 3.13 0.56 -1.24
N LEU C 179 4.00 -0.43 -1.44
CA LEU C 179 5.34 -0.14 -1.95
C LEU C 179 5.29 0.43 -3.36
N GLU C 180 4.41 -0.13 -4.21
CA GLU C 180 4.28 0.38 -5.57
C GLU C 180 3.76 1.81 -5.57
N ASP C 181 2.79 2.11 -4.69
CA ASP C 181 2.28 3.48 -4.59
C ASP C 181 3.37 4.43 -4.11
N ASN C 182 4.17 3.98 -3.14
CA ASN C 182 5.27 4.82 -2.66
C ASN C 182 6.28 5.10 -3.77
N TRP C 183 6.61 4.08 -4.56
CA TRP C 183 7.55 4.28 -5.67
C TRP C 183 6.96 5.21 -6.71
N GLU C 184 5.66 5.09 -6.98
CA GLU C 184 5.01 5.99 -7.92
C GLU C 184 5.09 7.43 -7.42
N THR C 185 4.84 7.63 -6.13
CA THR C 185 4.94 8.96 -5.54
C THR C 185 6.35 9.51 -5.66
N LEU C 186 7.34 8.66 -5.41
CA LEU C 186 8.74 9.07 -5.54
C LEU C 186 9.05 9.49 -6.97
N ASN C 187 8.53 8.74 -7.95
CA ASN C 187 8.77 9.08 -9.35
C ASN C 187 8.16 10.43 -9.71
N ASP C 188 6.90 10.66 -9.31
CA ASP C 188 6.28 11.95 -9.60
C ASP C 188 7.02 13.10 -8.92
N ASN C 189 7.43 12.91 -7.66
CA ASN C 189 8.15 13.96 -6.97
C ASN C 189 9.50 14.22 -7.62
N LEU C 190 10.17 13.18 -8.11
CA LEU C 190 11.44 13.37 -8.81
C LEU C 190 11.24 14.16 -10.09
N LYS C 191 10.18 13.85 -10.84
CA LYS C 191 9.90 14.63 -12.05
C LYS C 191 9.60 16.09 -11.71
N VAL C 192 8.81 16.32 -10.66
CA VAL C 192 8.51 17.69 -10.24
C VAL C 192 9.80 18.42 -9.83
N ILE C 193 10.68 17.72 -9.13
CA ILE C 193 11.96 18.29 -8.72
C ILE C 193 12.75 18.71 -9.95
N GLU C 194 12.80 17.85 -10.96
CA GLU C 194 13.55 18.16 -12.18
C GLU C 194 12.96 19.36 -12.89
N LYS C 195 11.63 19.45 -12.95
CA LYS C 195 10.98 20.54 -13.66
C LYS C 195 10.79 21.79 -12.81
N ALA C 196 11.11 21.74 -11.52
CA ALA C 196 10.86 22.87 -10.64
C ALA C 196 11.77 24.05 -10.98
N ASP C 197 11.30 25.25 -10.67
CA ASP C 197 12.04 26.47 -10.93
C ASP C 197 12.32 27.32 -9.69
N ASN C 198 11.59 27.10 -8.59
CA ASN C 198 11.82 27.84 -7.35
C ASN C 198 12.07 26.87 -6.22
N ALA C 199 12.43 27.42 -5.05
CA ALA C 199 12.78 26.58 -3.91
C ALA C 199 11.55 25.97 -3.25
N ALA C 200 10.39 26.61 -3.37
CA ALA C 200 9.20 26.14 -2.65
C ALA C 200 8.74 24.78 -3.16
N GLN C 201 8.58 24.65 -4.48
CA GLN C 201 8.16 23.37 -5.04
C GLN C 201 9.20 22.30 -4.78
N VAL C 202 10.49 22.67 -4.84
CA VAL C 202 11.56 21.72 -4.55
C VAL C 202 11.42 21.19 -3.13
N LYS C 203 11.21 22.09 -2.17
CA LYS C 203 11.09 21.67 -0.78
C LYS C 203 9.86 20.81 -0.56
N ASP C 204 8.72 21.18 -1.15
CA ASP C 204 7.52 20.36 -0.99
C ASP C 204 7.71 18.97 -1.58
N ALA C 205 8.32 18.90 -2.78
CA ALA C 205 8.56 17.60 -3.39
C ALA C 205 9.50 16.76 -2.56
N LEU C 206 10.55 17.38 -2.02
CA LEU C 206 11.50 16.65 -1.20
C LEU C 206 10.86 16.12 0.07
N THR C 207 10.01 16.92 0.70
CA THR C 207 9.27 16.46 1.88
C THR C 207 8.41 15.25 1.53
N LYS C 208 7.67 15.34 0.42
CA LYS C 208 6.79 14.25 0.03
C LYS C 208 7.56 12.98 -0.27
N MET C 209 8.71 13.10 -0.95
CA MET C 209 9.46 11.89 -1.27
C MET C 209 10.14 11.31 -0.04
N ARG C 210 10.53 12.17 0.92
CA ARG C 210 11.05 11.64 2.18
C ARG C 210 10.00 10.81 2.90
N ALA C 211 8.77 11.32 2.96
CA ALA C 211 7.70 10.56 3.57
C ALA C 211 7.44 9.25 2.84
N ALA C 212 7.41 9.30 1.50
CA ALA C 212 7.17 8.11 0.71
C ALA C 212 8.27 7.07 0.92
N ALA C 213 9.52 7.51 0.95
CA ALA C 213 10.64 6.60 1.14
C ALA C 213 10.60 5.94 2.50
N LEU C 214 10.29 6.71 3.55
CA LEU C 214 10.16 6.10 4.88
C LEU C 214 9.04 5.07 4.90
N ASP C 215 7.89 5.42 4.32
CA ASP C 215 6.76 4.50 4.32
C ASP C 215 7.11 3.21 3.58
N ALA C 216 7.80 3.34 2.44
CA ALA C 216 8.22 2.16 1.70
C ALA C 216 9.21 1.32 2.49
N GLN C 217 10.16 1.97 3.16
CA GLN C 217 11.10 1.24 4.01
C GLN C 217 10.37 0.46 5.10
N LYS C 218 9.24 0.99 5.57
CA LYS C 218 8.45 0.25 6.54
C LYS C 218 7.81 -1.02 5.98
N ALA C 219 7.76 -1.17 4.65
CA ALA C 219 7.06 -2.28 4.02
C ALA C 219 8.02 -3.41 3.67
N THR C 220 7.53 -4.40 2.94
CA THR C 220 8.28 -5.57 2.53
C THR C 220 8.06 -5.84 1.05
N PRO C 221 9.07 -6.36 0.35
CA PRO C 221 8.92 -6.63 -1.09
C PRO C 221 8.22 -7.96 -1.32
N PRO C 222 7.48 -8.09 -2.43
CA PRO C 222 6.78 -9.35 -2.70
C PRO C 222 7.70 -10.55 -2.88
N LYS C 223 8.89 -10.36 -3.45
CA LYS C 223 9.74 -11.50 -3.78
C LYS C 223 10.24 -12.21 -2.52
N LEU C 224 10.61 -11.46 -1.49
CA LEU C 224 11.22 -12.02 -0.28
C LEU C 224 10.20 -12.25 0.83
N GLU C 225 8.91 -12.35 0.49
CA GLU C 225 7.88 -12.49 1.51
C GLU C 225 8.07 -13.76 2.33
N ASP C 226 8.40 -14.86 1.68
CA ASP C 226 8.54 -16.13 2.38
C ASP C 226 9.74 -16.16 3.32
N LYS C 227 10.69 -15.25 3.17
CA LYS C 227 11.87 -15.25 4.01
C LYS C 227 11.58 -14.59 5.36
N SER C 228 12.51 -14.79 6.29
CA SER C 228 12.33 -14.30 7.65
C SER C 228 12.38 -12.78 7.69
N PRO C 229 11.66 -12.15 8.63
CA PRO C 229 11.77 -10.69 8.79
C PRO C 229 13.17 -10.22 9.13
N ASP C 230 13.96 -11.05 9.83
CA ASP C 230 15.34 -10.73 10.16
C ASP C 230 16.33 -11.40 9.22
N SER C 231 15.87 -11.86 8.06
CA SER C 231 16.75 -12.49 7.09
C SER C 231 17.68 -11.43 6.47
N PRO C 232 18.86 -11.85 5.99
CA PRO C 232 19.82 -10.86 5.46
C PRO C 232 19.29 -10.05 4.29
N GLU C 233 18.42 -10.63 3.46
CA GLU C 233 17.88 -9.89 2.33
C GLU C 233 17.06 -8.69 2.79
N MET C 234 16.26 -8.87 3.84
CA MET C 234 15.51 -7.74 4.39
C MET C 234 16.46 -6.67 4.93
N LYS C 235 17.57 -7.09 5.54
CA LYS C 235 18.56 -6.14 6.03
C LYS C 235 19.15 -5.33 4.88
N ASP C 236 19.48 -5.99 3.77
CA ASP C 236 20.02 -5.28 2.62
C ASP C 236 18.99 -4.33 2.03
N PHE C 237 17.72 -4.76 1.97
CA PHE C 237 16.67 -3.91 1.44
C PHE C 237 16.51 -2.64 2.27
N ARG C 238 16.47 -2.79 3.60
CA ARG C 238 16.35 -1.63 4.47
C ARG C 238 17.61 -0.77 4.42
N HIS C 239 18.76 -1.38 4.19
CA HIS C 239 19.99 -0.59 4.00
C HIS C 239 19.89 0.27 2.75
N GLY C 240 19.38 -0.31 1.65
CA GLY C 240 19.22 0.47 0.44
C GLY C 240 18.27 1.64 0.62
N PHE C 241 17.15 1.41 1.31
CA PHE C 241 16.24 2.51 1.56
C PHE C 241 16.83 3.53 2.53
N ASP C 242 17.69 3.09 3.44
CA ASP C 242 18.43 4.02 4.29
C ASP C 242 19.30 4.95 3.46
N ILE C 243 20.03 4.38 2.49
CA ILE C 243 20.85 5.21 1.61
C ILE C 243 19.97 6.18 0.83
N LEU C 244 18.84 5.70 0.33
CA LEU C 244 17.95 6.56 -0.45
C LEU C 244 17.45 7.75 0.38
N VAL C 245 17.03 7.49 1.62
CA VAL C 245 16.54 8.56 2.48
C VAL C 245 17.68 9.52 2.80
N GLY C 246 18.90 9.01 2.98
CA GLY C 246 20.03 9.91 3.21
C GLY C 246 20.27 10.86 2.04
N GLN C 247 20.18 10.35 0.82
CA GLN C 247 20.33 11.23 -0.34
C GLN C 247 19.20 12.25 -0.41
N ILE C 248 17.98 11.82 -0.09
CA ILE C 248 16.87 12.78 -0.03
C ILE C 248 17.15 13.86 1.00
N ASP C 249 17.73 13.47 2.14
CA ASP C 249 18.08 14.44 3.18
C ASP C 249 19.11 15.44 2.68
N ASP C 250 20.10 14.98 1.93
CA ASP C 250 21.09 15.90 1.38
C ASP C 250 20.44 16.89 0.41
N ALA C 251 19.57 16.40 -0.46
CA ALA C 251 18.87 17.29 -1.38
C ALA C 251 18.01 18.29 -0.62
N LEU C 252 17.34 17.84 0.44
CA LEU C 252 16.48 18.73 1.22
C LEU C 252 17.30 19.81 1.92
N LYS C 253 18.48 19.45 2.43
CA LYS C 253 19.35 20.45 3.05
C LYS C 253 19.79 21.50 2.03
N LEU C 254 20.17 21.05 0.83
CA LEU C 254 20.57 22.01 -0.20
C LEU C 254 19.39 22.91 -0.59
N ALA C 255 18.19 22.35 -0.67
CA ALA C 255 17.01 23.15 -0.97
C ALA C 255 16.74 24.16 0.13
N ASN C 256 16.94 23.78 1.39
CA ASN C 256 16.81 24.72 2.49
C ASN C 256 17.80 25.87 2.34
N GLU C 257 19.04 25.55 1.94
CA GLU C 257 20.00 26.62 1.70
C GLU C 257 19.60 27.52 0.53
N GLY C 258 18.71 27.04 -0.34
CA GLY C 258 18.21 27.82 -1.46
C GLY C 258 18.87 27.51 -2.79
N LYS C 259 20.02 26.87 -2.79
CA LYS C 259 20.73 26.54 -4.02
C LYS C 259 19.99 25.43 -4.76
N VAL C 260 19.15 25.81 -5.72
CA VAL C 260 18.22 24.86 -6.33
C VAL C 260 18.96 23.85 -7.21
N LYS C 261 20.00 24.30 -7.92
CA LYS C 261 20.65 23.43 -8.90
C LYS C 261 21.34 22.24 -8.23
N GLU C 262 22.04 22.50 -7.11
CA GLU C 262 22.68 21.41 -6.39
C GLU C 262 21.65 20.45 -5.83
N ALA C 263 20.50 20.97 -5.41
CA ALA C 263 19.41 20.10 -4.98
C ALA C 263 18.94 19.22 -6.12
N GLN C 264 18.85 19.78 -7.33
CA GLN C 264 18.44 18.98 -8.48
C GLN C 264 19.46 17.90 -8.79
N ALA C 265 20.76 18.20 -8.66
CA ALA C 265 21.78 17.17 -8.85
C ALA C 265 21.69 16.09 -7.79
N ALA C 266 21.49 16.49 -6.53
CA ALA C 266 21.33 15.50 -5.47
C ALA C 266 20.12 14.62 -5.72
N ALA C 267 19.05 15.19 -6.30
CA ALA C 267 17.91 14.37 -6.68
C ALA C 267 18.23 13.48 -7.88
N GLU C 268 19.13 13.92 -8.76
CA GLU C 268 19.57 13.06 -9.86
C GLU C 268 20.35 11.87 -9.35
N GLN C 269 20.98 12.01 -8.19
CA GLN C 269 21.62 10.83 -7.57
C GLN C 269 20.58 9.79 -7.16
N LEU C 270 19.36 10.22 -6.87
CA LEU C 270 18.29 9.26 -6.61
C LEU C 270 18.01 8.39 -7.82
N LYS C 271 18.31 8.87 -9.02
CA LYS C 271 18.19 8.00 -10.19
C LYS C 271 19.16 6.83 -10.08
N THR C 272 20.39 7.09 -9.65
CA THR C 272 21.35 6.01 -9.47
C THR C 272 20.89 5.02 -8.41
N THR C 273 20.37 5.52 -7.28
CA THR C 273 19.93 4.58 -6.26
C THR C 273 18.69 3.80 -6.70
N ARG C 274 17.81 4.42 -7.49
CA ARG C 274 16.66 3.70 -8.04
C ARG C 274 17.11 2.64 -9.03
N ASN C 275 18.11 2.95 -9.85
CA ASN C 275 18.67 1.94 -10.75
C ASN C 275 19.25 0.78 -9.96
N ALA C 276 19.86 1.06 -8.82
CA ALA C 276 20.34 -0.01 -7.96
C ALA C 276 19.18 -0.88 -7.47
N TYR C 277 18.08 -0.25 -7.06
CA TYR C 277 16.94 -1.01 -6.56
C TYR C 277 16.28 -1.85 -7.64
N ILE C 278 16.24 -1.33 -8.87
CA ILE C 278 15.46 -1.95 -9.94
C ILE C 278 16.01 -3.33 -10.28
N GLN C 279 17.32 -3.40 -10.53
CA GLN C 279 17.92 -4.66 -10.94
C GLN C 279 17.81 -5.74 -9.87
N LYS C 280 17.54 -5.35 -8.63
CA LYS C 280 17.37 -6.32 -7.56
C LYS C 280 15.93 -6.77 -7.39
N TYR C 281 14.97 -5.84 -7.47
CA TYR C 281 13.60 -6.18 -7.11
C TYR C 281 12.59 -5.94 -8.23
N LEU C 282 13.02 -5.94 -9.49
CA LEU C 282 12.09 -5.76 -10.58
C LEU C 282 12.39 -6.72 -11.72
N PRO C 283 11.39 -7.05 -12.54
CA PRO C 283 11.60 -8.00 -13.65
C PRO C 283 12.56 -7.44 -14.68
N THR C 284 13.64 -8.18 -14.94
CA THR C 284 14.64 -7.81 -15.93
C THR C 284 15.09 -9.07 -16.66
N ALA C 285 15.72 -8.86 -17.82
CA ALA C 285 16.25 -9.96 -18.60
C ALA C 285 17.36 -9.43 -19.51
N GLU C 286 18.34 -10.27 -19.79
CA GLU C 286 19.48 -9.90 -20.61
C GLU C 286 20.00 -11.13 -21.34
N THR C 287 20.00 -11.09 -22.67
CA THR C 287 20.61 -12.12 -23.48
C THR C 287 21.59 -11.51 -24.46
N THR C 288 22.68 -12.24 -24.72
CA THR C 288 23.78 -11.77 -25.53
C THR C 288 24.05 -12.77 -26.65
N ARG C 289 24.28 -12.26 -27.86
CA ARG C 289 24.56 -13.08 -29.02
C ARG C 289 25.69 -12.48 -29.84
N GLN C 290 26.52 -13.33 -30.43
CA GLN C 290 27.64 -12.91 -31.27
C GLN C 290 27.64 -13.73 -32.56
N PHE C 291 28.36 -13.21 -33.56
CA PHE C 291 28.49 -13.85 -34.85
C PHE C 291 29.97 -13.99 -35.22
N LEU C 292 30.22 -14.75 -36.28
CA LEU C 292 31.56 -14.88 -36.81
C LEU C 292 31.91 -13.68 -37.69
N MET C 293 33.21 -13.51 -37.93
CA MET C 293 33.75 -12.39 -38.70
C MET C 293 33.35 -11.06 -38.08
N SER C 294 33.80 -10.89 -36.84
CA SER C 294 33.53 -9.69 -36.04
C SER C 294 34.49 -9.72 -34.87
N ASP C 295 34.32 -8.78 -33.94
CA ASP C 295 35.17 -8.67 -32.76
C ASP C 295 34.40 -8.64 -31.46
N LYS C 296 33.26 -7.96 -31.42
CA LYS C 296 32.50 -7.82 -30.18
C LYS C 296 31.05 -8.21 -30.40
N PRO C 297 30.38 -8.70 -29.35
CA PRO C 297 29.00 -9.19 -29.52
C PRO C 297 27.95 -8.12 -29.35
N LEU C 298 26.68 -8.52 -29.40
CA LEU C 298 25.54 -7.62 -29.21
C LEU C 298 24.88 -7.93 -27.88
N HIS C 299 24.47 -6.89 -27.17
CA HIS C 299 23.89 -7.03 -25.84
C HIS C 299 22.54 -6.33 -25.80
N LEU C 300 21.57 -6.96 -25.14
CA LEU C 300 20.23 -6.42 -25.06
C LEU C 300 19.70 -6.58 -23.64
N GLU C 301 18.96 -5.58 -23.16
CA GLU C 301 18.43 -5.59 -21.80
C GLU C 301 17.09 -4.89 -21.77
N ALA C 302 16.18 -5.39 -20.95
CA ALA C 302 14.86 -4.81 -20.80
C ALA C 302 14.42 -4.95 -19.35
N SER C 303 13.49 -4.08 -18.95
CA SER C 303 13.02 -4.09 -17.57
C SER C 303 11.58 -3.61 -17.50
N LEU C 304 10.81 -4.23 -16.62
CA LEU C 304 9.44 -3.81 -16.34
C LEU C 304 9.41 -2.95 -15.09
N ASP C 305 8.59 -1.90 -15.12
CA ASP C 305 8.56 -0.96 -13.99
C ASP C 305 8.04 -1.62 -12.73
N LYS C 306 7.02 -2.46 -12.85
CA LYS C 306 6.39 -3.08 -11.70
C LYS C 306 6.03 -4.51 -12.05
N GLU C 307 5.56 -5.26 -11.05
CA GLU C 307 5.12 -6.64 -11.26
C GLU C 307 3.62 -6.77 -11.31
N ILE C 308 2.90 -6.22 -10.33
CA ILE C 308 1.45 -6.31 -10.29
C ILE C 308 0.86 -5.23 -11.20
N TYR C 309 0.02 -5.63 -12.14
CA TYR C 309 -0.60 -4.70 -13.07
C TYR C 309 -2.11 -4.82 -12.98
N TYR C 310 -2.80 -3.73 -13.30
CA TYR C 310 -4.24 -3.66 -13.28
C TYR C 310 -4.78 -3.65 -14.70
N HIS C 311 -5.96 -4.25 -14.88
CA HIS C 311 -6.57 -4.33 -16.21
C HIS C 311 -6.80 -2.94 -16.77
N GLY C 312 -6.12 -2.64 -17.88
CA GLY C 312 -6.20 -1.35 -18.52
C GLY C 312 -5.07 -0.41 -18.19
N GLU C 313 -4.34 -0.66 -17.10
CA GLU C 313 -3.20 0.17 -16.74
C GLU C 313 -2.09 -0.04 -17.76
N PRO C 314 -1.61 1.01 -18.41
CA PRO C 314 -0.54 0.84 -19.41
C PRO C 314 0.72 0.24 -18.81
N ILE C 315 1.40 -0.57 -19.60
CA ILE C 315 2.63 -1.23 -19.21
C ILE C 315 3.77 -0.63 -20.02
N SER C 316 4.71 0.01 -19.33
CA SER C 316 5.88 0.60 -19.97
C SER C 316 7.06 -0.35 -19.87
N VAL C 317 7.72 -0.58 -21.00
CA VAL C 317 8.80 -1.57 -21.11
C VAL C 317 10.07 -0.84 -21.50
N ASN C 318 11.00 -0.72 -20.56
CA ASN C 318 12.30 -0.14 -20.87
C ASN C 318 13.09 -1.08 -21.77
N VAL C 319 13.82 -0.50 -22.73
CA VAL C 319 14.67 -1.26 -23.63
C VAL C 319 16.03 -0.58 -23.68
N HIS C 320 17.07 -1.32 -23.31
CA HIS C 320 18.45 -0.83 -23.39
C HIS C 320 19.24 -1.73 -24.32
N VAL C 321 19.93 -1.14 -25.29
CA VAL C 321 20.64 -1.89 -26.31
C VAL C 321 22.01 -1.27 -26.54
N THR C 322 23.02 -2.12 -26.67
CA THR C 322 24.34 -1.71 -27.10
C THR C 322 24.85 -2.72 -28.12
N ASN C 323 25.74 -2.27 -28.99
CA ASN C 323 26.15 -3.11 -30.10
C ASN C 323 27.51 -2.64 -30.59
N ASN C 324 28.33 -3.59 -31.03
CA ASN C 324 29.61 -3.29 -31.67
C ASN C 324 29.83 -4.14 -32.91
N THR C 325 28.80 -4.82 -33.39
CA THR C 325 28.92 -5.71 -34.54
C THR C 325 28.98 -4.90 -35.83
N ASN C 326 28.99 -5.61 -36.95
CA ASN C 326 29.05 -5.01 -38.27
C ASN C 326 27.69 -4.96 -38.95
N LYS C 327 26.60 -4.99 -38.19
CA LYS C 327 25.26 -5.04 -38.76
C LYS C 327 24.39 -3.98 -38.10
N THR C 328 23.55 -3.33 -38.90
CA THR C 328 22.58 -2.37 -38.39
C THR C 328 21.22 -3.04 -38.24
N VAL C 329 20.42 -2.54 -37.30
CA VAL C 329 19.10 -3.09 -37.03
C VAL C 329 18.11 -1.94 -36.91
N LYS C 330 17.08 -1.94 -37.77
CA LYS C 330 16.03 -0.93 -37.68
C LYS C 330 14.70 -1.68 -37.55
N LYS C 331 14.41 -2.16 -36.34
CA LYS C 331 13.12 -2.75 -35.98
C LYS C 331 13.09 -3.08 -34.51
N ILE C 332 12.00 -2.75 -33.82
CA ILE C 332 11.78 -3.17 -32.44
C ILE C 332 10.34 -3.63 -32.32
N LYS C 333 10.14 -4.83 -31.77
CA LYS C 333 8.82 -5.41 -31.62
C LYS C 333 8.61 -5.82 -30.17
N ILE C 334 7.59 -5.24 -29.55
CA ILE C 334 7.25 -5.51 -28.16
C ILE C 334 5.85 -6.08 -28.13
N SER C 335 5.66 -7.18 -27.40
CA SER C 335 4.37 -7.85 -27.34
C SER C 335 4.09 -8.35 -25.93
N VAL C 336 2.80 -8.44 -25.61
CA VAL C 336 2.32 -9.03 -24.37
C VAL C 336 1.54 -10.29 -24.74
N ARG C 337 2.00 -11.44 -24.26
CA ARG C 337 1.55 -12.72 -24.77
C ARG C 337 0.75 -13.49 -23.73
N GLN C 338 -0.43 -13.94 -24.15
CA GLN C 338 -1.24 -14.85 -23.34
C GLN C 338 -0.53 -16.18 -23.17
N TYR C 339 -0.79 -16.84 -22.04
CA TYR C 339 -0.33 -18.21 -21.82
C TYR C 339 -1.38 -18.92 -20.98
N ALA C 340 -1.87 -20.04 -21.49
CA ALA C 340 -2.96 -20.75 -20.84
C ALA C 340 -2.65 -22.24 -20.79
N ASP C 341 -2.94 -22.86 -19.65
CA ASP C 341 -2.78 -24.30 -19.45
C ASP C 341 -4.15 -24.95 -19.29
N ILE C 342 -4.22 -26.23 -19.62
CA ILE C 342 -5.41 -27.06 -19.41
C ILE C 342 -4.95 -28.32 -18.70
N CYS C 343 -5.14 -28.36 -17.38
CA CYS C 343 -4.68 -29.49 -16.57
C CYS C 343 -5.74 -30.59 -16.58
N LEU C 344 -5.89 -31.20 -17.75
CA LEU C 344 -6.90 -32.23 -17.95
C LEU C 344 -6.34 -33.28 -18.90
N PHE C 345 -7.22 -34.14 -19.42
CA PHE C 345 -6.78 -35.20 -20.32
C PHE C 345 -6.43 -34.66 -21.70
N ASN C 346 -6.98 -33.51 -22.08
CA ASN C 346 -6.72 -32.89 -23.38
C ASN C 346 -5.54 -31.93 -23.35
N THR C 347 -4.56 -32.18 -22.48
CA THR C 347 -3.52 -31.22 -22.16
C THR C 347 -2.86 -30.63 -23.40
N ALA C 348 -2.90 -29.30 -23.49
CA ALA C 348 -2.26 -28.54 -24.56
C ALA C 348 -1.88 -27.18 -24.01
N GLN C 349 -1.00 -26.49 -24.72
CA GLN C 349 -0.50 -25.20 -24.28
C GLN C 349 -0.72 -24.15 -25.37
N TYR C 350 -0.99 -22.92 -24.95
CA TYR C 350 -1.42 -21.87 -25.87
C TYR C 350 -0.60 -20.60 -25.66
N LYS C 351 -0.54 -19.78 -26.71
CA LYS C 351 0.19 -18.51 -26.67
C LYS C 351 -0.49 -17.55 -27.64
N CYS C 352 -1.01 -16.44 -27.11
CA CYS C 352 -1.75 -15.50 -27.95
C CYS C 352 -1.34 -14.06 -27.66
N PRO C 353 -0.69 -13.39 -28.61
CA PRO C 353 -0.32 -11.98 -28.40
C PRO C 353 -1.55 -11.12 -28.17
N VAL C 354 -1.60 -10.47 -27.02
CA VAL C 354 -2.73 -9.60 -26.69
C VAL C 354 -2.51 -8.18 -27.19
N ALA C 355 -1.26 -7.73 -27.26
CA ALA C 355 -0.96 -6.38 -27.76
C ALA C 355 0.39 -6.40 -28.43
N MET C 356 0.46 -5.85 -29.64
CA MET C 356 1.68 -5.84 -30.44
C MET C 356 2.14 -4.41 -30.66
N GLU C 357 3.45 -4.24 -30.80
CA GLU C 357 4.07 -2.92 -30.91
C GLU C 357 5.15 -2.98 -31.98
N GLU C 358 5.35 -1.88 -32.67
CA GLU C 358 6.38 -1.81 -33.70
C GLU C 358 6.89 -0.38 -33.84
N ALA C 359 8.22 -0.24 -33.89
CA ALA C 359 8.85 1.04 -34.12
C ALA C 359 10.05 0.84 -35.03
N ASP C 360 10.45 1.92 -35.72
CA ASP C 360 11.56 1.90 -36.67
C ASP C 360 12.80 2.54 -36.08
N ASP C 361 13.07 2.31 -34.80
CA ASP C 361 14.19 2.95 -34.13
C ASP C 361 15.51 2.44 -34.70
N THR C 362 16.61 2.98 -34.18
CA THR C 362 17.92 2.88 -34.81
C THR C 362 18.84 1.95 -34.04
N VAL C 363 19.60 1.13 -34.76
CA VAL C 363 20.75 0.42 -34.21
C VAL C 363 21.91 0.63 -35.17
N ALA C 364 22.73 1.64 -34.90
CA ALA C 364 23.97 1.83 -35.60
C ALA C 364 24.96 0.75 -35.18
N PRO C 365 25.97 0.46 -36.00
CA PRO C 365 26.93 -0.59 -35.63
C PRO C 365 27.63 -0.34 -34.31
N SER C 366 27.86 0.93 -33.94
CA SER C 366 28.50 1.28 -32.69
C SER C 366 27.76 2.45 -32.06
N SER C 367 26.73 2.15 -31.26
CA SER C 367 25.99 3.20 -30.57
C SER C 367 25.11 2.58 -29.50
N THR C 368 24.63 3.43 -28.60
CA THR C 368 23.85 3.02 -27.42
C THR C 368 22.48 3.68 -27.46
N PHE C 369 21.44 2.90 -27.18
CA PHE C 369 20.05 3.30 -27.32
C PHE C 369 19.27 2.92 -26.07
N CYS C 370 18.35 3.79 -25.66
CA CYS C 370 17.53 3.50 -24.49
C CYS C 370 16.29 4.37 -24.55
N LYS C 371 15.14 3.76 -24.78
CA LYS C 371 13.86 4.47 -24.75
C LYS C 371 12.84 3.60 -24.06
N VAL C 372 11.83 4.25 -23.48
CA VAL C 372 10.77 3.59 -22.73
C VAL C 372 9.53 3.54 -23.61
N TYR C 373 8.98 2.35 -23.81
CA TYR C 373 7.82 2.15 -24.65
C TYR C 373 6.68 1.58 -23.81
N THR C 374 5.48 2.10 -24.05
CA THR C 374 4.32 1.81 -23.22
C THR C 374 3.31 0.98 -24.01
N LEU C 375 2.87 -0.13 -23.43
CA LEU C 375 1.88 -1.01 -24.03
C LEU C 375 0.71 -1.19 -23.07
N THR C 376 -0.39 -1.72 -23.60
CA THR C 376 -1.60 -1.95 -22.82
C THR C 376 -2.40 -3.11 -23.39
N PRO C 377 -2.55 -4.21 -22.66
CA PRO C 377 -3.41 -5.30 -23.14
C PRO C 377 -4.88 -4.96 -22.92
N PHE C 378 -5.65 -5.00 -24.01
CA PHE C 378 -7.05 -4.60 -23.98
C PHE C 378 -7.85 -5.57 -24.83
N LEU C 379 -9.01 -5.99 -24.31
CA LEU C 379 -9.78 -7.03 -24.99
C LEU C 379 -10.51 -6.48 -26.21
N ALA C 380 -10.92 -5.21 -26.18
CA ALA C 380 -11.72 -4.67 -27.27
C ALA C 380 -10.95 -4.68 -28.59
N ASN C 381 -9.67 -4.28 -28.56
CA ASN C 381 -8.86 -4.29 -29.77
C ASN C 381 -8.40 -5.69 -30.15
N ASN C 382 -8.40 -6.63 -29.21
CA ASN C 382 -7.80 -7.94 -29.39
C ASN C 382 -8.86 -9.03 -29.47
N ARG C 383 -10.13 -8.65 -29.59
CA ARG C 383 -11.23 -9.60 -29.44
C ARG C 383 -11.25 -10.65 -30.54
N GLU C 384 -10.99 -10.25 -31.78
CA GLU C 384 -11.32 -11.10 -32.93
C GLU C 384 -10.54 -12.41 -32.95
N LYS C 385 -9.37 -12.49 -32.33
CA LYS C 385 -8.63 -13.73 -32.34
C LYS C 385 -9.24 -14.74 -31.37
N ARG C 386 -9.01 -16.01 -31.63
CA ARG C 386 -9.61 -17.09 -30.87
C ARG C 386 -8.60 -17.72 -29.91
N GLY C 387 -9.12 -18.53 -29.00
CA GLY C 387 -8.27 -19.20 -28.03
C GLY C 387 -7.80 -18.32 -26.89
N LEU C 388 -8.46 -17.20 -26.64
CA LEU C 388 -8.03 -16.30 -25.57
C LEU C 388 -8.37 -16.91 -24.22
N ALA C 389 -8.04 -16.16 -23.16
CA ALA C 389 -8.34 -16.55 -21.79
C ALA C 389 -9.18 -15.46 -21.15
N LEU C 390 -10.45 -15.76 -20.90
CA LEU C 390 -11.39 -14.84 -20.29
C LEU C 390 -11.88 -15.40 -18.97
N ASP C 391 -12.67 -14.61 -18.25
CA ASP C 391 -13.21 -15.01 -16.95
C ASP C 391 -14.73 -15.07 -16.92
N GLY C 392 -15.39 -15.03 -18.07
CA GLY C 392 -16.84 -15.07 -18.10
C GLY C 392 -17.35 -14.97 -19.51
N LYS C 393 -18.67 -14.83 -19.62
CA LYS C 393 -19.30 -14.70 -20.93
C LYS C 393 -18.99 -13.34 -21.54
N LEU C 394 -18.59 -13.35 -22.82
CA LEU C 394 -18.16 -12.12 -23.48
C LEU C 394 -19.27 -11.08 -23.54
N LYS C 395 -20.52 -11.52 -23.57
CA LYS C 395 -21.64 -10.59 -23.67
C LYS C 395 -21.75 -9.70 -22.44
N HIS C 396 -21.38 -10.21 -21.27
CA HIS C 396 -21.53 -9.46 -20.03
C HIS C 396 -20.53 -8.30 -19.98
N GLU C 397 -20.97 -7.20 -19.35
CA GLU C 397 -20.12 -6.02 -19.26
C GLU C 397 -18.94 -6.23 -18.33
N ASP C 398 -19.13 -6.98 -17.25
CA ASP C 398 -18.08 -7.23 -16.26
C ASP C 398 -17.09 -8.28 -16.73
N THR C 399 -17.11 -8.66 -18.00
CA THR C 399 -16.18 -9.67 -18.52
C THR C 399 -14.95 -9.01 -19.12
N ASN C 400 -13.79 -9.39 -18.62
CA ASN C 400 -12.50 -8.91 -19.08
C ASN C 400 -11.61 -10.10 -19.39
N LEU C 401 -10.33 -9.82 -19.62
CA LEU C 401 -9.36 -10.90 -19.80
C LEU C 401 -9.20 -11.67 -18.50
N ALA C 402 -8.64 -12.87 -18.57
CA ALA C 402 -8.45 -13.71 -17.41
C ALA C 402 -7.26 -13.21 -16.61
N SER C 403 -7.50 -12.89 -15.34
CA SER C 403 -6.41 -12.54 -14.46
C SER C 403 -5.48 -13.73 -14.28
N SER C 404 -4.20 -13.43 -14.07
CA SER C 404 -3.19 -14.48 -14.00
C SER C 404 -3.48 -15.42 -12.85
N THR C 405 -3.39 -16.72 -13.12
CA THR C 405 -3.63 -17.73 -12.10
C THR C 405 -2.51 -17.69 -11.08
N LEU C 406 -2.83 -17.22 -9.88
CA LEU C 406 -1.86 -17.23 -8.79
C LEU C 406 -1.42 -18.66 -8.52
N LEU C 407 -0.13 -18.91 -8.70
CA LEU C 407 0.38 -20.28 -8.67
C LEU C 407 0.17 -20.91 -7.30
N ARG C 408 0.10 -22.25 -7.30
CA ARG C 408 -0.12 -22.99 -6.07
C ARG C 408 1.02 -22.74 -5.09
N GLU C 409 0.66 -22.64 -3.80
CA GLU C 409 1.65 -22.51 -2.74
C GLU C 409 2.14 -23.89 -2.32
N GLY C 410 2.70 -24.60 -3.29
CA GLY C 410 3.10 -25.98 -3.08
C GLY C 410 1.98 -26.99 -3.17
N ALA C 411 0.78 -26.56 -3.56
CA ALA C 411 -0.37 -27.45 -3.63
C ALA C 411 -0.38 -28.19 -4.97
N ASN C 412 -1.49 -28.87 -5.26
CA ASN C 412 -1.60 -29.65 -6.48
C ASN C 412 -1.79 -28.72 -7.68
N ARG C 413 -1.50 -29.26 -8.87
CA ARG C 413 -1.66 -28.54 -10.12
C ARG C 413 -2.69 -29.16 -11.05
N GLU C 414 -2.83 -30.49 -11.04
CA GLU C 414 -3.71 -31.16 -11.99
C GLU C 414 -5.17 -30.77 -11.76
N ILE C 415 -5.58 -30.62 -10.51
CA ILE C 415 -6.98 -30.35 -10.21
C ILE C 415 -7.39 -28.92 -10.52
N LEU C 416 -6.42 -28.03 -10.77
CA LEU C 416 -6.75 -26.62 -10.95
C LEU C 416 -7.47 -26.37 -12.26
N GLY C 417 -7.22 -27.18 -13.29
CA GLY C 417 -7.91 -27.03 -14.55
C GLY C 417 -7.25 -26.10 -15.54
N ILE C 418 -7.35 -24.79 -15.32
CA ILE C 418 -6.84 -23.79 -16.26
C ILE C 418 -5.90 -22.85 -15.52
N ILE C 419 -4.66 -22.76 -15.99
CA ILE C 419 -3.66 -21.82 -15.47
C ILE C 419 -3.41 -20.77 -16.54
N VAL C 420 -3.44 -19.50 -16.15
CA VAL C 420 -3.30 -18.36 -17.05
C VAL C 420 -2.14 -17.51 -16.57
N SER C 421 -1.26 -17.13 -17.51
CA SER C 421 -0.08 -16.34 -17.16
C SER C 421 0.24 -15.38 -18.29
N TYR C 422 1.01 -14.35 -17.96
CA TYR C 422 1.38 -13.30 -18.92
C TYR C 422 2.86 -13.02 -18.81
N LYS C 423 3.48 -12.70 -19.95
CA LYS C 423 4.86 -12.24 -19.97
C LYS C 423 5.11 -11.44 -21.24
N VAL C 424 6.08 -10.53 -21.16
CA VAL C 424 6.34 -9.54 -22.19
C VAL C 424 7.58 -9.93 -22.99
N LYS C 425 7.49 -9.80 -24.31
CA LYS C 425 8.58 -10.14 -25.21
C LYS C 425 9.10 -8.89 -25.90
N VAL C 426 10.42 -8.80 -26.04
CA VAL C 426 11.07 -7.77 -26.84
C VAL C 426 11.95 -8.47 -27.87
N LYS C 427 11.75 -8.14 -29.14
CA LYS C 427 12.44 -8.80 -30.23
C LYS C 427 13.27 -7.80 -31.03
N LEU C 428 14.49 -8.20 -31.38
CA LEU C 428 15.38 -7.41 -32.21
C LEU C 428 15.60 -8.12 -33.53
N VAL C 429 15.39 -7.43 -34.64
CA VAL C 429 15.41 -8.03 -35.96
C VAL C 429 16.81 -7.90 -36.55
N VAL C 430 17.53 -9.02 -36.60
CA VAL C 430 18.90 -9.02 -37.13
C VAL C 430 18.86 -8.80 -38.63
N SER C 431 19.73 -7.92 -39.13
CA SER C 431 19.82 -7.69 -40.56
C SER C 431 20.55 -8.84 -41.25
N ARG C 432 20.57 -8.77 -42.57
CA ARG C 432 21.15 -9.82 -43.40
C ARG C 432 22.44 -9.35 -44.06
N GLY C 433 23.10 -10.30 -44.72
CA GLY C 433 24.30 -10.00 -45.47
C GLY C 433 23.99 -9.74 -46.94
N SER C 442 18.56 -16.99 -35.27
CA SER C 442 17.42 -16.54 -34.47
C SER C 442 17.47 -15.03 -34.40
N ASP C 443 16.46 -14.46 -33.77
CA ASP C 443 16.43 -13.03 -33.45
C ASP C 443 16.54 -12.89 -31.94
N VAL C 444 17.50 -12.07 -31.48
CA VAL C 444 17.78 -11.97 -30.07
C VAL C 444 16.56 -11.43 -29.33
N ALA C 445 16.19 -12.09 -28.23
CA ALA C 445 14.97 -11.73 -27.52
C ALA C 445 15.16 -11.95 -26.03
N VAL C 446 14.33 -11.27 -25.25
CA VAL C 446 14.26 -11.44 -23.81
C VAL C 446 12.80 -11.58 -23.42
N GLU C 447 12.57 -12.14 -22.24
CA GLU C 447 11.22 -12.30 -21.72
C GLU C 447 11.16 -11.79 -20.30
N LEU C 448 10.00 -11.23 -19.93
CA LEU C 448 9.80 -10.63 -18.61
C LEU C 448 8.45 -11.07 -18.08
N PRO C 449 8.42 -12.06 -17.19
CA PRO C 449 7.14 -12.44 -16.58
C PRO C 449 6.58 -11.31 -15.74
N PHE C 450 5.26 -11.19 -15.75
CA PHE C 450 4.57 -10.20 -14.93
C PHE C 450 3.17 -10.72 -14.63
N THR C 451 2.39 -9.91 -13.92
CA THR C 451 1.11 -10.34 -13.37
C THR C 451 0.03 -9.33 -13.67
N LEU C 452 -1.13 -9.82 -14.10
CA LEU C 452 -2.30 -9.00 -14.40
C LEU C 452 -3.42 -9.38 -13.44
N MET C 453 -3.93 -8.42 -12.70
CA MET C 453 -5.03 -8.67 -11.77
C MET C 453 -5.96 -7.47 -11.72
N HIS C 454 -7.17 -7.71 -11.21
CA HIS C 454 -8.16 -6.68 -11.00
C HIS C 454 -7.87 -5.92 -9.70
N PRO C 455 -8.18 -4.62 -9.65
CA PRO C 455 -7.93 -3.86 -8.42
C PRO C 455 -9.00 -4.15 -7.37
N LYS C 456 -8.58 -4.24 -6.11
CA LYS C 456 -9.48 -4.52 -5.01
C LYS C 456 -10.38 -3.31 -4.72
N ASP C 486 -35.09 -3.05 4.92
CA ASP C 486 -35.54 -2.92 3.55
C ASP C 486 -34.46 -3.33 2.56
N ILE C 487 -34.86 -3.78 1.38
CA ILE C 487 -33.93 -4.22 0.36
C ILE C 487 -34.60 -4.06 -1.00
N VAL C 488 -33.82 -3.63 -1.99
CA VAL C 488 -34.30 -3.48 -3.36
C VAL C 488 -33.98 -4.77 -4.12
N PHE C 489 -34.98 -5.31 -4.81
CA PHE C 489 -34.86 -6.60 -5.47
C PHE C 489 -34.53 -6.43 -6.96
N GLU C 490 -33.96 -7.49 -7.52
CA GLU C 490 -33.61 -7.52 -8.94
C GLU C 490 -33.58 -8.98 -9.37
N ASP C 491 -33.52 -9.19 -10.69
CA ASP C 491 -33.53 -10.54 -11.25
C ASP C 491 -32.11 -11.00 -11.56
N PHE C 492 -31.83 -12.26 -11.27
CA PHE C 492 -30.49 -12.81 -11.46
C PHE C 492 -30.20 -13.08 -12.93
N ALA C 493 -31.24 -13.35 -13.73
CA ALA C 493 -31.07 -13.80 -15.11
C ALA C 493 -30.11 -12.92 -15.88
N ARG C 494 -29.00 -13.52 -16.32
CA ARG C 494 -27.96 -12.80 -17.05
C ARG C 494 -28.27 -12.77 -18.55
#